data_8IYH
#
_entry.id   8IYH
#
_cell.length_a   1.00
_cell.length_b   1.00
_cell.length_c   1.00
_cell.angle_alpha   90.00
_cell.angle_beta   90.00
_cell.angle_gamma   90.00
#
_symmetry.space_group_name_H-M   'P 1'
#
loop_
_entity.id
_entity.type
_entity.pdbx_description
1 polymer 'Guanine nucleotide-binding protein G(I)/G(S)/G(T) subunit beta-1'
2 polymer 'Guanine nucleotide-binding protein G(o) subunit alpha'
3 polymer 'Hydroxycarboxylic acid receptor 2'
4 polymer 'Guanine nucleotide-binding protein G(I)/G(S)/G(O) subunit gamma-2'
5 polymer 'ScFv16 Antibody'
6 non-polymer '2-[[2,2-dimethyl-3-[3-(5-oxidanylpyridin-2-yl)-1,2,4-oxadiazol-5-yl]propanoyl]amino]cyclohexene-1-carboxylic acid'
#
loop_
_entity_poly.entity_id
_entity_poly.type
_entity_poly.pdbx_seq_one_letter_code
_entity_poly.pdbx_strand_id
1 'polypeptide(L)'
;MHHHHHHGSSGSELDQLRQEAEQLKNQIRDARKACADATLSQITNNIDPVGRIQMRTRRTLRGHLAKIYAMHWGTDSRLL
VSASQDGKLIIWDSYTTNKVHAIPLRSSWVMTCAYAPSGNYVACGGLDNICSIYNLKTREGNVRVSRELAGHTGYLSCCR
FLDDNQIVTSSGDTTCALWDIETGQQTTTFTGHTGDVMSLSLAPDTRLFVSGACDASAKLWDVREGMCRQTFTGHESDIN
AICFFPNGNAFATGSDDATCRLFDLRADQELMTYSHDNIICGITSVSFSKSGRLLLAGYDDFNCNVWDALKADRAGVLAG
HDNRVSCLGVTDDGMAVATGSWDSFLKIWN
;
A
2 'polypeptide(L)'
;MGHHHHHHENLYFQGTLSAEERAALERSKAIEKNLKEDGISAAKDVKLLLLGADNSGKSTIVKQMKIIHGGSGGSGGTTG
IVETHFTFKNLHFRLFDVGGQRSERKKWIHCFEDVTAIIFCVDLSDYNRMHESLMLFDSICNNKFFIDTSIILFLNKKDL
FGEKIKKSPLTICFPEYTGPNTYEDAAAYIQAQFESKNRSPNKEIYCHMTCATDTNNAQVIFDAVTDIIIANNLRGCGLY
;
B
3 'polypeptide(L)'
;MGKTIIALSYIFCLVFADYKDDDDAANFTPVNGSSGNQSVRLVTSSSLEVLFQGPGSNRHHLQDHFLEIDKKNCCVFRDD
FIVKVLPPVLGLEFIFGLLGNGLALWIFCFHLKSWKSSRIFLFNLAVADFLLIICLPFLMDNYVRRWDWKFGDIPCRLML
FMLAMNRQGSIIFLTVVAVDRYFRVVHPHHALNKISNRTAAIISCLLWGITIGLTVHLLKKKMPIQNGGANLCSSFSICH
TFQWHEAMFLLEFFLPLGIILFCSARIIWSLRQRQMDRHAKIKRAITFIMVVAIVFVICFLPSVVVRIRIFWLLHTSGTQ
NCEVYRSVDLAFFITLSFTYMNSMLDPVVYYFSSPSFPNFFSTLINRCLQRKMTGEPDNNRSTSVELTGDPNKTRGAPEA
LMANSGEPWSPSYLGPTSP
;
D
4 'polypeptide(L)' MASNNTASIAQARKLVEQLKMEANIDRIKVSKAAADLMAYCEAHAKEDPLLTPVPASENPFREKKFFCAIL G
5 'polypeptide(L)'
;DVQLVESGGGLVQPGGSRKLSCSASGFAFSSFGMHWVRQAPEKGLEWVAYISSGSGTIYYADTVKGRFTISRDDPKNTLF
LQMTSLRSEDTAMYYCVRSIYYYGSSPFDFWGQGTTLTVSSGGGGSGGGGSGGGGSDIVMTQATSSVPVTPGESVSISCR
SSKSLLHSNGNTYLYWFLQRPGQSPQLLIYRMSNLASGVPDRFSGSGSGTAFTLTISRLEAEDVGVYYCMQHLEYPLTFG
AGTKLELK
;
H
#
# COMPACT_ATOMS: atom_id res chain seq x y z
N GLU A 13 -27.27 -38.56 34.43
CA GLU A 13 -25.97 -37.94 34.61
C GLU A 13 -25.83 -36.70 33.74
N LEU A 14 -25.99 -36.87 32.42
CA LEU A 14 -25.88 -35.76 31.49
C LEU A 14 -26.95 -34.70 31.79
N ASP A 15 -28.19 -35.13 32.02
CA ASP A 15 -29.27 -34.20 32.30
C ASP A 15 -28.99 -33.44 33.59
N GLN A 16 -28.50 -34.13 34.62
CA GLN A 16 -28.19 -33.46 35.88
C GLN A 16 -27.09 -32.42 35.71
N LEU A 17 -26.05 -32.74 34.94
CA LEU A 17 -24.98 -31.80 34.70
C LEU A 17 -25.48 -30.59 33.91
N ARG A 18 -26.31 -30.82 32.89
CA ARG A 18 -26.84 -29.70 32.13
C ARG A 18 -27.73 -28.80 32.99
N GLN A 19 -28.57 -29.40 33.83
CA GLN A 19 -29.42 -28.62 34.71
C GLN A 19 -28.61 -27.82 35.71
N GLU A 20 -27.55 -28.43 36.27
CA GLU A 20 -26.71 -27.71 37.22
C GLU A 20 -25.95 -26.58 36.54
N ALA A 21 -25.52 -26.79 35.30
CA ALA A 21 -24.88 -25.70 34.55
C ALA A 21 -25.85 -24.56 34.29
N GLU A 22 -27.10 -24.88 33.95
CA GLU A 22 -28.09 -23.84 33.75
C GLU A 22 -28.35 -23.08 35.06
N GLN A 23 -28.41 -23.79 36.18
CA GLN A 23 -28.60 -23.14 37.47
C GLN A 23 -27.42 -22.24 37.80
N LEU A 24 -26.20 -22.68 37.47
CA LEU A 24 -25.02 -21.85 37.70
C LEU A 24 -25.07 -20.59 36.84
N LYS A 25 -25.52 -20.72 35.59
CA LYS A 25 -25.68 -19.54 34.74
C LYS A 25 -26.71 -18.58 35.33
N ASN A 26 -27.82 -19.12 35.85
CA ASN A 26 -28.82 -18.28 36.48
C ASN A 26 -28.26 -17.58 37.71
N GLN A 27 -27.47 -18.29 38.51
CA GLN A 27 -26.85 -17.68 39.69
C GLN A 27 -25.91 -16.56 39.29
N ILE A 28 -25.10 -16.78 38.26
CA ILE A 28 -24.18 -15.74 37.79
C ILE A 28 -24.95 -14.52 37.31
N ARG A 29 -26.01 -14.75 36.54
CA ARG A 29 -26.81 -13.63 36.03
C ARG A 29 -27.46 -12.87 37.18
N ASP A 30 -27.95 -13.59 38.20
CA ASP A 30 -28.58 -12.93 39.34
C ASP A 30 -27.57 -12.09 40.11
N ALA A 31 -26.35 -12.62 40.31
CA ALA A 31 -25.31 -11.85 40.99
C ALA A 31 -24.95 -10.61 40.18
N ARG A 32 -24.82 -10.76 38.86
CA ARG A 32 -24.47 -9.62 38.02
C ARG A 32 -25.56 -8.55 38.04
N LYS A 33 -26.83 -8.97 38.05
CA LYS A 33 -27.92 -8.01 38.13
C LYS A 33 -28.00 -7.37 39.51
N ALA A 34 -27.61 -8.09 40.55
CA ALA A 34 -27.61 -7.52 41.90
C ALA A 34 -26.47 -6.53 42.09
N CYS A 35 -25.38 -6.70 41.33
CA CYS A 35 -24.26 -5.76 41.42
C CYS A 35 -24.54 -4.46 40.69
N ALA A 36 -25.44 -4.47 39.69
CA ALA A 36 -25.70 -3.31 38.84
C ALA A 36 -26.72 -2.39 39.51
N ASP A 37 -26.27 -1.71 40.55
CA ASP A 37 -27.12 -0.72 41.22
C ASP A 37 -27.15 0.62 40.50
N ALA A 38 -26.27 0.85 39.53
CA ALA A 38 -26.25 2.09 38.77
C ALA A 38 -25.64 1.81 37.40
N THR A 39 -25.43 2.87 36.62
CA THR A 39 -24.82 2.77 35.30
C THR A 39 -23.73 3.82 35.17
N LEU A 40 -22.86 3.61 34.17
CA LEU A 40 -21.78 4.56 33.94
C LEU A 40 -22.32 5.93 33.55
N SER A 41 -23.31 5.98 32.66
CA SER A 41 -23.87 7.25 32.23
C SER A 41 -24.58 7.96 33.37
N GLN A 42 -25.31 7.20 34.20
CA GLN A 42 -26.03 7.80 35.32
C GLN A 42 -25.09 8.47 36.31
N ILE A 43 -23.82 8.09 36.33
CA ILE A 43 -22.85 8.73 37.20
C ILE A 43 -22.11 9.85 36.49
N THR A 44 -21.71 9.62 35.23
CA THR A 44 -20.90 10.58 34.49
C THR A 44 -21.73 11.63 33.76
N ASN A 45 -23.04 11.68 34.00
CA ASN A 45 -23.87 12.73 33.40
C ASN A 45 -23.37 14.13 33.76
N ASN A 46 -22.72 14.28 34.92
CA ASN A 46 -22.23 15.59 35.35
C ASN A 46 -20.84 15.90 34.80
N ILE A 47 -20.19 14.95 34.13
CA ILE A 47 -18.85 15.17 33.58
C ILE A 47 -18.95 16.04 32.34
N ASP A 48 -18.10 17.05 32.25
CA ASP A 48 -18.08 17.94 31.10
C ASP A 48 -17.63 17.17 29.86
N PRO A 49 -18.30 17.37 28.72
CA PRO A 49 -17.88 16.67 27.51
C PRO A 49 -16.55 17.20 26.98
N VAL A 50 -15.85 16.34 26.24
CA VAL A 50 -14.56 16.70 25.68
C VAL A 50 -14.66 17.58 24.46
N GLY A 51 -15.86 17.80 23.94
CA GLY A 51 -16.02 18.62 22.75
C GLY A 51 -15.58 17.89 21.49
N ARG A 52 -15.54 18.66 20.40
CA ARG A 52 -15.14 18.12 19.10
C ARG A 52 -13.64 17.89 19.09
N ILE A 53 -13.23 16.62 19.29
CA ILE A 53 -11.82 16.27 19.32
C ILE A 53 -11.42 15.96 17.88
N GLN A 54 -11.05 16.99 17.14
CA GLN A 54 -10.61 16.84 15.76
C GLN A 54 -9.09 16.78 15.70
N MET A 55 -8.59 16.02 14.72
CA MET A 55 -7.16 15.90 14.50
C MET A 55 -6.91 15.55 13.04
N ARG A 56 -5.72 15.91 12.56
CA ARG A 56 -5.40 15.87 11.15
C ARG A 56 -4.28 14.87 10.88
N THR A 57 -4.21 14.42 9.63
CA THR A 57 -3.19 13.47 9.20
C THR A 57 -1.82 14.15 9.21
N ARG A 58 -0.94 13.71 10.11
CA ARG A 58 0.39 14.28 10.21
C ARG A 58 1.40 13.57 9.32
N ARG A 59 1.25 12.26 9.13
CA ARG A 59 2.13 11.48 8.26
C ARG A 59 1.28 10.53 7.44
N THR A 60 1.79 10.16 6.27
CA THR A 60 1.16 9.15 5.42
C THR A 60 2.24 8.15 5.03
N LEU A 61 2.19 6.95 5.62
CA LEU A 61 3.23 5.94 5.44
C LEU A 61 2.91 5.15 4.17
N ARG A 62 3.44 5.62 3.05
CA ARG A 62 3.26 4.98 1.76
C ARG A 62 4.35 3.95 1.52
N GLY A 63 4.02 2.91 0.76
CA GLY A 63 4.99 1.88 0.43
C GLY A 63 4.44 0.48 0.37
N HIS A 64 3.38 0.20 1.12
CA HIS A 64 2.70 -1.09 0.96
C HIS A 64 1.91 -1.11 -0.34
N LEU A 65 2.01 -2.23 -1.05
CA LEU A 65 1.35 -2.40 -2.34
C LEU A 65 0.11 -3.29 -2.25
N ALA A 66 -0.35 -3.61 -1.05
CA ALA A 66 -1.51 -4.46 -0.88
C ALA A 66 -2.20 -4.10 0.43
N LYS A 67 -3.27 -4.82 0.74
CA LYS A 67 -4.08 -4.54 1.92
C LYS A 67 -3.26 -4.75 3.19
N ILE A 68 -3.34 -3.78 4.10
CA ILE A 68 -2.64 -3.87 5.39
C ILE A 68 -3.58 -4.50 6.40
N TYR A 69 -3.09 -5.51 7.11
CA TYR A 69 -3.90 -6.24 8.08
C TYR A 69 -3.52 -6.01 9.53
N ALA A 70 -2.35 -5.45 9.81
CA ALA A 70 -1.95 -5.24 11.19
C ALA A 70 -0.92 -4.14 11.27
N MET A 71 -0.88 -3.47 12.43
CA MET A 71 0.11 -2.44 12.73
C MET A 71 0.32 -2.42 14.23
N HIS A 72 1.57 -2.25 14.65
CA HIS A 72 1.87 -2.22 16.08
C HIS A 72 3.00 -1.23 16.34
N TRP A 73 2.82 -0.41 17.37
CA TRP A 73 3.83 0.55 17.79
C TRP A 73 4.88 -0.12 18.66
N GLY A 74 6.13 0.33 18.50
CA GLY A 74 7.15 -0.03 19.45
C GLY A 74 6.98 0.72 20.75
N THR A 75 7.50 0.15 21.84
CA THR A 75 7.39 0.79 23.14
C THR A 75 8.11 2.14 23.18
N ASP A 76 9.09 2.36 22.30
CA ASP A 76 9.76 3.66 22.22
C ASP A 76 8.88 4.74 21.63
N SER A 77 7.73 4.38 21.07
CA SER A 77 6.70 5.29 20.57
C SER A 77 7.08 6.01 19.28
N ARG A 78 8.17 5.60 18.63
CA ARG A 78 8.56 6.19 17.36
C ARG A 78 8.52 5.19 16.20
N LEU A 79 9.01 3.97 16.40
CA LEU A 79 9.02 2.97 15.36
C LEU A 79 7.71 2.20 15.34
N LEU A 80 7.20 1.93 14.14
CA LEU A 80 5.97 1.18 13.95
C LEU A 80 6.21 0.09 12.92
N VAL A 81 5.64 -1.08 13.15
CA VAL A 81 5.72 -2.21 12.24
C VAL A 81 4.36 -2.43 11.60
N SER A 82 4.34 -2.58 10.28
CA SER A 82 3.11 -2.80 9.55
C SER A 82 3.25 -4.03 8.68
N ALA A 83 2.22 -4.87 8.66
CA ALA A 83 2.21 -6.10 7.88
C ALA A 83 1.07 -6.05 6.87
N SER A 84 1.37 -6.42 5.64
CA SER A 84 0.39 -6.39 4.56
C SER A 84 0.45 -7.69 3.78
N GLN A 85 -0.66 -8.02 3.12
CA GLN A 85 -0.76 -9.26 2.36
C GLN A 85 0.18 -9.30 1.16
N ASP A 86 0.91 -8.22 0.88
CA ASP A 86 1.93 -8.24 -0.16
C ASP A 86 3.11 -9.12 0.21
N GLY A 87 3.20 -9.56 1.47
CA GLY A 87 4.30 -10.39 1.91
C GLY A 87 5.45 -9.66 2.56
N LYS A 88 5.30 -8.37 2.85
CA LYS A 88 6.35 -7.58 3.45
C LYS A 88 5.91 -7.04 4.80
N LEU A 89 6.79 -7.12 5.78
CA LEU A 89 6.61 -6.49 7.09
C LEU A 89 7.62 -5.36 7.17
N ILE A 90 7.14 -4.12 7.13
CA ILE A 90 8.00 -2.94 7.04
C ILE A 90 7.97 -2.23 8.39
N ILE A 91 9.14 -1.83 8.87
CA ILE A 91 9.27 -1.06 10.10
C ILE A 91 9.45 0.40 9.72
N TRP A 92 8.56 1.26 10.21
CA TRP A 92 8.52 2.66 9.85
C TRP A 92 9.11 3.52 10.96
N ASP A 93 9.91 4.51 10.57
CA ASP A 93 10.32 5.57 11.50
C ASP A 93 9.26 6.66 11.36
N SER A 94 8.28 6.65 12.25
CA SER A 94 7.10 7.49 12.08
C SER A 94 7.38 8.98 12.15
N TYR A 95 8.46 9.39 12.83
CA TYR A 95 8.78 10.81 12.90
C TYR A 95 9.24 11.35 11.54
N THR A 96 9.95 10.54 10.76
CA THR A 96 10.48 10.99 9.48
C THR A 96 9.98 10.18 8.30
N THR A 97 9.06 9.24 8.50
CA THR A 97 8.43 8.42 7.47
C THR A 97 9.43 7.43 6.85
N ASN A 98 10.70 7.49 7.23
CA ASN A 98 11.70 6.60 6.65
C ASN A 98 11.42 5.15 7.02
N LYS A 99 11.58 4.26 6.04
CA LYS A 99 11.45 2.84 6.29
C LYS A 99 12.77 2.29 6.82
N VAL A 100 12.73 1.68 8.00
CA VAL A 100 13.95 1.17 8.62
C VAL A 100 14.29 -0.22 8.11
N HIS A 101 13.33 -1.14 8.16
CA HIS A 101 13.51 -2.50 7.68
C HIS A 101 12.38 -2.89 6.76
N ALA A 102 12.67 -3.79 5.84
CA ALA A 102 11.66 -4.43 5.00
C ALA A 102 11.90 -5.93 5.07
N ILE A 103 10.99 -6.65 5.73
CA ILE A 103 11.18 -8.06 6.05
C ILE A 103 10.30 -8.87 5.09
N PRO A 104 10.90 -9.67 4.20
CA PRO A 104 10.11 -10.52 3.31
C PRO A 104 9.58 -11.75 4.04
N LEU A 105 8.26 -11.84 4.16
CA LEU A 105 7.65 -12.96 4.87
C LEU A 105 7.77 -14.24 4.04
N ARG A 106 7.87 -15.37 4.76
CA ARG A 106 7.91 -16.66 4.09
C ARG A 106 6.57 -17.02 3.46
N SER A 107 5.48 -16.37 3.89
CA SER A 107 4.16 -16.58 3.30
C SER A 107 3.43 -15.26 3.28
N SER A 108 2.72 -15.00 2.18
CA SER A 108 2.11 -13.69 1.96
C SER A 108 0.84 -13.47 2.76
N TRP A 109 0.22 -14.53 3.30
CA TRP A 109 -1.09 -14.41 3.92
C TRP A 109 -0.94 -14.11 5.42
N VAL A 110 -0.50 -12.89 5.70
CA VAL A 110 -0.33 -12.42 7.07
C VAL A 110 -1.63 -11.83 7.57
N MET A 111 -1.96 -12.11 8.84
CA MET A 111 -3.14 -11.56 9.47
C MET A 111 -2.84 -10.76 10.73
N THR A 112 -1.61 -10.78 11.23
CA THR A 112 -1.27 -10.07 12.45
C THR A 112 0.23 -9.83 12.50
N CYS A 113 0.63 -8.91 13.37
CA CYS A 113 2.03 -8.64 13.64
C CYS A 113 2.16 -8.03 15.02
N ALA A 114 3.37 -8.07 15.56
CA ALA A 114 3.62 -7.57 16.89
C ALA A 114 5.04 -7.02 16.98
N TYR A 115 5.23 -6.07 17.89
CA TYR A 115 6.52 -5.46 18.16
C TYR A 115 6.90 -5.74 19.61
N ALA A 116 8.08 -6.31 19.82
CA ALA A 116 8.50 -6.65 21.16
C ALA A 116 8.64 -5.38 22.00
N PRO A 117 8.30 -5.43 23.29
CA PRO A 117 8.45 -4.22 24.12
C PRO A 117 9.87 -3.70 24.17
N SER A 118 10.88 -4.58 24.12
CA SER A 118 12.26 -4.13 24.07
C SER A 118 12.68 -3.66 22.68
N GLY A 119 11.90 -3.96 21.66
CA GLY A 119 12.22 -3.54 20.30
C GLY A 119 13.17 -4.46 19.56
N ASN A 120 13.65 -5.53 20.19
CA ASN A 120 14.59 -6.42 19.53
C ASN A 120 13.92 -7.35 18.54
N TYR A 121 12.69 -7.79 18.83
CA TYR A 121 12.03 -8.82 18.04
C TYR A 121 10.74 -8.29 17.44
N VAL A 122 10.31 -8.93 16.36
CA VAL A 122 9.03 -8.67 15.71
C VAL A 122 8.40 -10.01 15.36
N ALA A 123 7.10 -10.14 15.62
CA ALA A 123 6.38 -11.38 15.36
C ALA A 123 5.42 -11.20 14.20
N CYS A 124 5.05 -12.32 13.60
CA CYS A 124 4.17 -12.33 12.43
C CYS A 124 3.42 -13.65 12.39
N GLY A 125 2.26 -13.63 11.74
CA GLY A 125 1.45 -14.83 11.63
C GLY A 125 0.27 -14.59 10.72
N GLY A 126 -0.42 -15.69 10.40
CA GLY A 126 -1.57 -15.61 9.53
C GLY A 126 -2.22 -16.95 9.26
N LEU A 127 -2.59 -17.21 8.00
CA LEU A 127 -3.18 -18.48 7.62
C LEU A 127 -2.18 -19.63 7.66
N ASP A 128 -0.90 -19.33 7.89
CA ASP A 128 0.11 -20.38 7.98
C ASP A 128 -0.05 -21.26 9.20
N ASN A 129 -0.85 -20.84 10.18
CA ASN A 129 -0.95 -21.44 11.51
C ASN A 129 0.37 -21.39 12.26
N ILE A 130 1.31 -20.57 11.80
CA ILE A 130 2.67 -20.51 12.34
C ILE A 130 2.99 -19.07 12.70
N CYS A 131 3.56 -18.86 13.88
CA CYS A 131 4.00 -17.55 14.34
C CYS A 131 5.52 -17.48 14.21
N SER A 132 6.01 -16.47 13.50
CA SER A 132 7.43 -16.32 13.21
C SER A 132 7.98 -15.15 14.00
N ILE A 133 9.08 -15.40 14.73
CA ILE A 133 9.72 -14.39 15.56
C ILE A 133 10.97 -13.92 14.83
N TYR A 134 10.91 -12.71 14.28
CA TYR A 134 12.05 -12.13 13.58
C TYR A 134 12.95 -11.40 14.55
N ASN A 135 14.25 -11.43 14.27
CA ASN A 135 15.26 -10.80 15.12
C ASN A 135 15.84 -9.61 14.37
N LEU A 136 15.76 -8.43 14.98
CA LEU A 136 16.18 -7.20 14.33
C LEU A 136 17.59 -6.76 14.69
N LYS A 137 18.18 -7.30 15.76
CA LYS A 137 19.50 -6.88 16.24
C LYS A 137 20.56 -7.93 15.94
N THR A 138 20.47 -8.56 14.78
CA THR A 138 21.41 -9.61 14.41
C THR A 138 22.81 -9.03 14.21
N ARG A 139 23.81 -9.83 14.59
CA ARG A 139 25.21 -9.42 14.39
C ARG A 139 25.55 -9.30 12.91
N GLU A 140 24.90 -10.09 12.06
CA GLU A 140 25.19 -10.10 10.64
C GLU A 140 24.58 -8.92 9.90
N GLY A 141 23.74 -8.12 10.56
CA GLY A 141 23.17 -6.93 9.96
C GLY A 141 21.85 -7.13 9.26
N ASN A 142 21.48 -8.37 8.93
CA ASN A 142 20.23 -8.66 8.27
C ASN A 142 19.20 -9.20 9.27
N VAL A 143 17.93 -9.06 8.91
CA VAL A 143 16.84 -9.57 9.73
C VAL A 143 16.58 -11.02 9.34
N ARG A 144 16.56 -11.90 10.34
CA ARG A 144 16.40 -13.32 10.09
C ARG A 144 15.45 -13.90 11.13
N VAL A 145 14.79 -15.01 10.75
CA VAL A 145 13.87 -15.69 11.65
C VAL A 145 14.66 -16.35 12.78
N SER A 146 14.24 -16.10 14.02
CA SER A 146 14.86 -16.75 15.16
C SER A 146 14.18 -18.08 15.47
N ARG A 147 12.86 -18.07 15.61
CA ARG A 147 12.08 -19.28 15.84
C ARG A 147 10.78 -19.19 15.06
N GLU A 148 10.31 -20.35 14.58
CA GLU A 148 9.02 -20.47 13.93
C GLU A 148 8.13 -21.32 14.84
N LEU A 149 7.10 -20.69 15.39
CA LEU A 149 6.23 -21.34 16.37
C LEU A 149 5.07 -22.02 15.66
N ALA A 150 5.00 -23.33 15.74
CA ALA A 150 3.96 -24.12 15.11
C ALA A 150 3.25 -24.97 16.15
N GLY A 151 2.01 -25.34 15.84
CA GLY A 151 1.22 -26.16 16.76
C GLY A 151 -0.25 -25.83 16.75
N HIS A 152 -0.63 -24.66 16.28
CA HIS A 152 -2.04 -24.32 16.16
C HIS A 152 -2.67 -25.05 14.99
N THR A 153 -3.93 -25.44 15.18
CA THR A 153 -4.70 -26.12 14.15
C THR A 153 -5.40 -25.15 13.20
N GLY A 154 -5.42 -23.86 13.52
CA GLY A 154 -6.09 -22.88 12.70
C GLY A 154 -5.25 -21.63 12.57
N TYR A 155 -5.72 -20.71 11.72
CA TYR A 155 -4.99 -19.49 11.45
C TYR A 155 -4.76 -18.69 12.74
N LEU A 156 -3.56 -18.15 12.88
CA LEU A 156 -3.24 -17.30 14.02
C LEU A 156 -3.75 -15.90 13.76
N SER A 157 -4.64 -15.42 14.62
CA SER A 157 -5.30 -14.14 14.39
C SER A 157 -4.61 -12.98 15.11
N CYS A 158 -3.97 -13.23 16.26
CA CYS A 158 -3.32 -12.17 17.00
C CYS A 158 -2.18 -12.75 17.82
N CYS A 159 -1.18 -11.92 18.10
CA CYS A 159 -0.03 -12.33 18.89
C CYS A 159 0.53 -11.12 19.60
N ARG A 160 0.94 -11.32 20.86
CA ARG A 160 1.47 -10.23 21.69
C ARG A 160 2.61 -10.76 22.53
N PHE A 161 3.73 -10.03 22.55
CA PHE A 161 4.84 -10.37 23.42
C PHE A 161 4.52 -9.99 24.86
N LEU A 162 4.80 -10.91 25.78
CA LEU A 162 4.91 -10.54 27.18
C LEU A 162 6.30 -10.00 27.48
N ASP A 163 7.32 -10.62 26.89
CA ASP A 163 8.69 -10.13 26.90
C ASP A 163 9.43 -10.78 25.75
N ASP A 164 10.75 -10.60 25.71
CA ASP A 164 11.53 -11.16 24.61
C ASP A 164 11.50 -12.68 24.59
N ASN A 165 11.24 -13.31 25.72
CA ASN A 165 11.38 -14.76 25.82
C ASN A 165 10.07 -15.51 25.61
N GLN A 166 8.92 -14.87 25.81
CA GLN A 166 7.66 -15.56 25.69
C GLN A 166 6.63 -14.69 25.00
N ILE A 167 5.73 -15.34 24.25
CA ILE A 167 4.71 -14.67 23.45
C ILE A 167 3.42 -15.44 23.56
N VAL A 168 2.30 -14.71 23.63
CA VAL A 168 0.97 -15.31 23.69
C VAL A 168 0.27 -15.05 22.35
N THR A 169 -0.36 -16.10 21.81
CA THR A 169 -0.99 -16.04 20.51
C THR A 169 -2.41 -16.59 20.59
N SER A 170 -3.29 -16.04 19.76
CA SER A 170 -4.65 -16.51 19.62
C SER A 170 -4.87 -17.00 18.20
N SER A 171 -5.72 -18.01 18.04
CA SER A 171 -5.86 -18.69 16.77
C SER A 171 -7.33 -18.98 16.49
N GLY A 172 -7.60 -19.31 15.22
CA GLY A 172 -8.94 -19.66 14.79
C GLY A 172 -9.38 -21.05 15.20
N ASP A 173 -8.51 -21.83 15.84
CA ASP A 173 -8.87 -23.14 16.35
C ASP A 173 -9.40 -23.08 17.78
N THR A 174 -9.91 -21.92 18.20
CA THR A 174 -10.52 -21.65 19.50
C THR A 174 -9.53 -21.71 20.66
N THR A 175 -8.24 -21.78 20.41
CA THR A 175 -7.24 -21.90 21.45
C THR A 175 -6.33 -20.69 21.47
N CYS A 176 -6.11 -20.13 22.66
CA CYS A 176 -5.03 -19.19 22.90
C CYS A 176 -3.91 -19.92 23.63
N ALA A 177 -2.67 -19.65 23.24
CA ALA A 177 -1.54 -20.39 23.77
C ALA A 177 -0.43 -19.44 24.17
N LEU A 178 0.36 -19.85 25.16
CA LEU A 178 1.52 -19.10 25.62
C LEU A 178 2.77 -19.87 25.23
N TRP A 179 3.63 -19.24 24.43
CA TRP A 179 4.80 -19.90 23.88
C TRP A 179 6.06 -19.49 24.61
N ASP A 180 6.97 -20.45 24.78
CA ASP A 180 8.31 -20.16 25.26
C ASP A 180 9.22 -20.07 24.03
N ILE A 181 9.52 -18.84 23.60
CA ILE A 181 10.23 -18.63 22.35
C ILE A 181 11.64 -19.21 22.38
N GLU A 182 12.25 -19.34 23.56
CA GLU A 182 13.59 -19.90 23.65
C GLU A 182 13.63 -21.34 23.16
N THR A 183 12.64 -22.13 23.55
CA THR A 183 12.56 -23.53 23.13
C THR A 183 11.61 -23.77 21.96
N GLY A 184 10.61 -22.90 21.77
CA GLY A 184 9.70 -23.05 20.66
C GLY A 184 8.52 -23.96 20.91
N GLN A 185 8.13 -24.17 22.17
CA GLN A 185 7.03 -25.05 22.52
C GLN A 185 6.06 -24.31 23.42
N GLN A 186 4.79 -24.72 23.39
CA GLN A 186 3.78 -24.09 24.21
C GLN A 186 4.04 -24.36 25.68
N THR A 187 4.03 -23.30 26.49
CA THR A 187 4.15 -23.44 27.92
C THR A 187 2.80 -23.65 28.60
N THR A 188 1.75 -23.03 28.06
CA THR A 188 0.41 -23.09 28.64
C THR A 188 -0.60 -22.89 27.53
N THR A 189 -1.68 -23.66 27.56
CA THR A 189 -2.75 -23.56 26.58
C THR A 189 -4.01 -23.06 27.27
N PHE A 190 -4.74 -22.18 26.60
CA PHE A 190 -5.99 -21.62 27.11
C PHE A 190 -7.14 -22.12 26.26
N THR A 191 -8.06 -22.87 26.85
CA THR A 191 -9.18 -23.44 26.14
C THR A 191 -10.49 -23.03 26.80
N GLY A 192 -11.55 -22.98 26.00
CA GLY A 192 -12.85 -22.60 26.52
C GLY A 192 -13.72 -21.82 25.55
N HIS A 193 -13.11 -21.20 24.55
CA HIS A 193 -13.90 -20.55 23.50
C HIS A 193 -14.54 -21.59 22.60
N THR A 194 -15.73 -21.25 22.10
CA THR A 194 -16.44 -22.10 21.15
C THR A 194 -15.99 -21.84 19.72
N GLY A 195 -15.76 -20.59 19.36
CA GLY A 195 -15.35 -20.25 18.01
C GLY A 195 -13.96 -19.65 17.94
N ASP A 196 -13.64 -19.01 16.82
CA ASP A 196 -12.31 -18.46 16.61
C ASP A 196 -12.02 -17.33 17.59
N VAL A 197 -10.82 -17.35 18.17
CA VAL A 197 -10.37 -16.29 19.06
C VAL A 197 -9.73 -15.22 18.18
N MET A 198 -10.55 -14.27 17.73
CA MET A 198 -10.14 -13.31 16.71
C MET A 198 -9.37 -12.12 17.26
N SER A 199 -9.22 -11.99 18.58
CA SER A 199 -8.54 -10.84 19.14
C SER A 199 -7.94 -11.19 20.49
N LEU A 200 -7.04 -10.34 20.96
CA LEU A 200 -6.31 -10.58 22.20
C LEU A 200 -5.70 -9.26 22.65
N SER A 201 -5.52 -9.12 23.96
CA SER A 201 -4.93 -7.90 24.51
C SER A 201 -4.37 -8.20 25.89
N LEU A 202 -3.05 -8.06 26.05
CA LEU A 202 -2.42 -8.27 27.33
C LEU A 202 -2.58 -7.05 28.23
N ALA A 203 -2.77 -7.30 29.53
CA ALA A 203 -2.93 -6.21 30.48
C ALA A 203 -1.62 -5.43 30.61
N PRO A 204 -1.70 -4.18 31.10
CA PRO A 204 -0.46 -3.40 31.26
C PRO A 204 0.57 -4.06 32.17
N ASP A 205 0.13 -4.78 33.20
CA ASP A 205 1.06 -5.51 34.06
C ASP A 205 1.39 -6.90 33.52
N THR A 206 0.77 -7.32 32.42
CA THR A 206 1.01 -8.60 31.74
C THR A 206 0.73 -9.80 32.62
N ARG A 207 0.08 -9.61 33.78
CA ARG A 207 -0.24 -10.75 34.63
C ARG A 207 -1.39 -11.57 34.07
N LEU A 208 -2.29 -10.92 33.32
CA LEU A 208 -3.46 -11.60 32.76
C LEU A 208 -3.85 -10.88 31.47
N PHE A 209 -4.67 -11.54 30.67
CA PHE A 209 -5.04 -10.99 29.37
C PHE A 209 -6.44 -11.44 29.00
N VAL A 210 -7.02 -10.76 28.01
CA VAL A 210 -8.35 -11.07 27.52
C VAL A 210 -8.25 -11.54 26.07
N SER A 211 -9.30 -12.22 25.62
CA SER A 211 -9.41 -12.67 24.25
C SER A 211 -10.85 -12.54 23.80
N GLY A 212 -11.03 -12.02 22.59
CA GLY A 212 -12.36 -11.86 22.00
C GLY A 212 -12.57 -12.92 20.93
N ALA A 213 -13.66 -13.66 21.06
CA ALA A 213 -13.91 -14.81 20.22
C ALA A 213 -15.19 -14.61 19.41
N CYS A 214 -15.31 -15.40 18.34
CA CYS A 214 -16.42 -15.25 17.40
C CYS A 214 -17.74 -15.75 17.94
N ASP A 215 -17.77 -16.43 19.09
CA ASP A 215 -19.04 -16.84 19.68
C ASP A 215 -19.66 -15.74 20.52
N ALA A 216 -19.26 -14.48 20.30
CA ALA A 216 -19.82 -13.33 20.99
C ALA A 216 -19.57 -13.41 22.49
N SER A 217 -18.31 -13.61 22.86
CA SER A 217 -17.92 -13.65 24.26
C SER A 217 -16.45 -13.27 24.38
N ALA A 218 -16.12 -12.62 25.49
CA ALA A 218 -14.76 -12.24 25.81
C ALA A 218 -14.40 -12.84 27.16
N LYS A 219 -13.27 -13.54 27.22
CA LYS A 219 -12.85 -14.24 28.41
C LYS A 219 -11.60 -13.62 29.00
N LEU A 220 -11.52 -13.60 30.33
CA LEU A 220 -10.37 -13.06 31.04
C LEU A 220 -9.45 -14.21 31.40
N TRP A 221 -8.32 -14.31 30.70
CA TRP A 221 -7.35 -15.37 30.90
C TRP A 221 -6.25 -14.87 31.81
N ASP A 222 -5.81 -15.72 32.74
CA ASP A 222 -4.67 -15.40 33.58
C ASP A 222 -3.48 -16.20 33.08
N VAL A 223 -2.36 -15.52 32.85
CA VAL A 223 -1.24 -16.13 32.15
C VAL A 223 -0.60 -17.24 32.98
N ARG A 224 -0.45 -17.03 34.28
CA ARG A 224 0.42 -17.89 35.07
C ARG A 224 -0.17 -19.29 35.28
N GLU A 225 -1.34 -19.39 35.90
CA GLU A 225 -1.92 -20.72 36.11
C GLU A 225 -2.65 -21.24 34.87
N GLY A 226 -2.89 -20.41 33.88
CA GLY A 226 -3.45 -20.88 32.63
C GLY A 226 -4.89 -21.35 32.71
N MET A 227 -5.73 -20.67 33.48
CA MET A 227 -7.13 -21.01 33.60
C MET A 227 -7.98 -19.76 33.41
N CYS A 228 -9.17 -19.96 32.84
CA CYS A 228 -10.11 -18.86 32.68
C CYS A 228 -10.56 -18.35 34.05
N ARG A 229 -10.70 -17.03 34.15
CA ARG A 229 -11.11 -16.40 35.40
C ARG A 229 -12.50 -15.79 35.33
N GLN A 230 -12.82 -15.09 34.25
CA GLN A 230 -14.14 -14.50 34.06
C GLN A 230 -14.50 -14.58 32.59
N THR A 231 -15.79 -14.60 32.31
CA THR A 231 -16.28 -14.55 30.94
C THR A 231 -17.32 -13.44 30.84
N PHE A 232 -17.28 -12.72 29.71
CA PHE A 232 -18.16 -11.58 29.49
C PHE A 232 -18.94 -11.80 28.21
N THR A 233 -20.24 -11.49 28.26
CA THR A 233 -21.11 -11.66 27.12
C THR A 233 -22.03 -10.45 27.01
N GLY A 234 -22.76 -10.39 25.90
CA GLY A 234 -23.63 -9.25 25.63
C GLY A 234 -23.62 -8.87 24.18
N HIS A 235 -22.53 -9.15 23.49
CA HIS A 235 -22.48 -8.94 22.05
C HIS A 235 -23.38 -9.93 21.33
N GLU A 236 -23.93 -9.50 20.20
CA GLU A 236 -24.79 -10.34 19.38
C GLU A 236 -24.11 -10.81 18.10
N SER A 237 -22.78 -10.66 18.01
CA SER A 237 -22.04 -11.08 16.84
C SER A 237 -20.58 -11.27 17.23
N ASP A 238 -19.76 -11.67 16.25
CA ASP A 238 -18.37 -11.96 16.52
C ASP A 238 -17.62 -10.72 16.97
N ILE A 239 -16.74 -10.90 17.96
CA ILE A 239 -15.89 -9.82 18.44
C ILE A 239 -14.63 -9.77 17.58
N ASN A 240 -14.41 -8.64 16.91
CA ASN A 240 -13.28 -8.49 16.01
C ASN A 240 -12.08 -7.84 16.66
N ALA A 241 -12.27 -7.07 17.74
CA ALA A 241 -11.16 -6.38 18.38
C ALA A 241 -11.44 -6.22 19.86
N ILE A 242 -10.37 -6.09 20.64
CA ILE A 242 -10.47 -5.96 22.08
C ILE A 242 -9.25 -5.17 22.56
N CYS A 243 -9.41 -4.48 23.69
CA CYS A 243 -8.32 -3.64 24.21
C CYS A 243 -8.59 -3.32 25.66
N PHE A 244 -7.56 -3.43 26.49
CA PHE A 244 -7.67 -3.07 27.90
C PHE A 244 -7.74 -1.56 28.07
N PHE A 245 -8.60 -1.13 28.99
CA PHE A 245 -8.57 0.26 29.46
C PHE A 245 -7.27 0.49 30.21
N PRO A 246 -6.68 1.68 30.10
CA PRO A 246 -5.31 1.87 30.63
C PRO A 246 -5.15 1.52 32.09
N ASN A 247 -6.19 1.69 32.91
CA ASN A 247 -6.09 1.30 34.31
C ASN A 247 -5.93 -0.21 34.48
N GLY A 248 -6.29 -0.99 33.46
CA GLY A 248 -6.22 -2.43 33.54
C GLY A 248 -7.42 -3.09 34.20
N ASN A 249 -8.38 -2.31 34.67
CA ASN A 249 -9.57 -2.84 35.31
C ASN A 249 -10.80 -2.82 34.40
N ALA A 250 -10.63 -2.47 33.14
CA ALA A 250 -11.73 -2.47 32.18
C ALA A 250 -11.17 -2.77 30.80
N PHE A 251 -12.05 -3.21 29.90
CA PHE A 251 -11.64 -3.47 28.53
C PHE A 251 -12.82 -3.24 27.60
N ALA A 252 -12.54 -2.77 26.39
CA ALA A 252 -13.55 -2.49 25.39
C ALA A 252 -13.42 -3.48 24.25
N THR A 253 -14.53 -4.11 23.90
CA THR A 253 -14.57 -5.12 22.84
C THR A 253 -15.41 -4.59 21.68
N GLY A 254 -14.84 -4.60 20.48
CA GLY A 254 -15.57 -4.15 19.31
C GLY A 254 -16.02 -5.29 18.44
N SER A 255 -17.33 -5.41 18.23
CA SER A 255 -17.91 -6.55 17.53
C SER A 255 -18.29 -6.19 16.10
N ASP A 256 -18.68 -7.22 15.35
CA ASP A 256 -19.20 -7.04 14.01
C ASP A 256 -20.65 -6.62 13.98
N ASP A 257 -21.29 -6.51 15.15
CA ASP A 257 -22.67 -6.04 15.26
C ASP A 257 -22.78 -4.52 15.22
N ALA A 258 -21.74 -3.84 14.73
CA ALA A 258 -21.72 -2.38 14.62
C ALA A 258 -21.84 -1.71 15.97
N THR A 259 -21.21 -2.29 16.99
CA THR A 259 -21.20 -1.71 18.31
C THR A 259 -19.97 -2.18 19.07
N CYS A 260 -19.53 -1.37 20.02
CA CYS A 260 -18.47 -1.75 20.94
C CYS A 260 -18.91 -1.42 22.36
N ARG A 261 -18.45 -2.22 23.31
CA ARG A 261 -18.93 -2.17 24.68
C ARG A 261 -17.75 -2.13 25.64
N LEU A 262 -17.96 -1.48 26.79
CA LEU A 262 -16.96 -1.38 27.83
C LEU A 262 -17.35 -2.31 28.98
N PHE A 263 -16.46 -3.23 29.33
CA PHE A 263 -16.69 -4.19 30.40
C PHE A 263 -15.81 -3.85 31.59
N ASP A 264 -16.28 -4.19 32.79
CA ASP A 264 -15.53 -3.98 34.01
C ASP A 264 -15.13 -5.32 34.61
N LEU A 265 -13.84 -5.47 34.92
CA LEU A 265 -13.36 -6.74 35.46
C LEU A 265 -13.90 -6.98 36.87
N ARG A 266 -13.83 -5.95 37.73
CA ARG A 266 -14.26 -6.14 39.12
C ARG A 266 -15.78 -6.19 39.23
N ALA A 267 -16.51 -5.49 38.36
CA ALA A 267 -17.95 -5.57 38.35
C ALA A 267 -18.48 -6.73 37.53
N ASP A 268 -17.65 -7.35 36.69
CA ASP A 268 -17.97 -8.57 35.97
C ASP A 268 -19.17 -8.39 35.04
N GLN A 269 -19.34 -7.19 34.49
CA GLN A 269 -20.47 -6.94 33.60
C GLN A 269 -20.20 -5.69 32.78
N GLU A 270 -20.96 -5.54 31.70
CA GLU A 270 -20.82 -4.40 30.80
C GLU A 270 -21.24 -3.11 31.50
N LEU A 271 -20.65 -2.00 31.05
CA LEU A 271 -20.94 -0.69 31.63
C LEU A 271 -21.57 0.27 30.65
N MET A 272 -21.00 0.42 29.46
CA MET A 272 -21.51 1.36 28.47
C MET A 272 -21.49 0.72 27.10
N THR A 273 -22.35 1.22 26.22
CA THR A 273 -22.48 0.73 24.86
C THR A 273 -22.34 1.91 23.89
N TYR A 274 -21.40 1.80 22.96
CA TYR A 274 -21.11 2.86 22.00
C TYR A 274 -21.70 2.45 20.66
N SER A 275 -22.84 3.04 20.31
CA SER A 275 -23.52 2.71 19.06
C SER A 275 -24.27 3.93 18.56
N HIS A 276 -24.55 3.92 17.26
CA HIS A 276 -25.24 5.03 16.62
C HIS A 276 -26.14 4.47 15.53
N ASP A 277 -27.31 5.09 15.35
CA ASP A 277 -28.29 4.58 14.39
C ASP A 277 -27.77 4.62 12.96
N ASN A 278 -26.91 5.60 12.64
CA ASN A 278 -26.35 5.72 11.30
C ASN A 278 -25.14 4.83 11.08
N ILE A 279 -24.83 3.93 12.01
CA ILE A 279 -23.70 3.04 11.92
C ILE A 279 -24.22 1.62 11.78
N ILE A 280 -23.79 0.93 10.72
CA ILE A 280 -24.21 -0.45 10.47
C ILE A 280 -22.98 -1.31 10.19
N CYS A 281 -21.85 -0.66 9.94
CA CYS A 281 -20.61 -1.38 9.66
C CYS A 281 -20.01 -1.93 10.95
N GLY A 282 -19.39 -3.10 10.83
CA GLY A 282 -18.81 -3.75 11.99
C GLY A 282 -17.45 -3.18 12.36
N ILE A 283 -17.13 -3.26 13.66
CA ILE A 283 -15.86 -2.76 14.16
C ILE A 283 -14.74 -3.67 13.67
N THR A 284 -13.56 -3.07 13.44
CA THR A 284 -12.37 -3.82 13.09
C THR A 284 -11.20 -3.57 14.02
N SER A 285 -11.21 -2.49 14.80
CA SER A 285 -10.15 -2.20 15.75
C SER A 285 -10.72 -1.35 16.86
N VAL A 286 -10.08 -1.41 18.02
CA VAL A 286 -10.48 -0.60 19.17
C VAL A 286 -9.22 -0.24 19.95
N SER A 287 -9.17 0.99 20.44
CA SER A 287 -8.03 1.45 21.22
C SER A 287 -8.46 2.60 22.11
N PHE A 288 -7.70 2.83 23.16
CA PHE A 288 -7.93 3.91 24.10
C PHE A 288 -6.80 4.94 24.02
N SER A 289 -7.14 6.18 24.37
CA SER A 289 -6.11 7.18 24.59
C SER A 289 -5.34 6.86 25.87
N LYS A 290 -4.25 7.60 26.09
CA LYS A 290 -3.39 7.31 27.22
C LYS A 290 -4.14 7.44 28.55
N SER A 291 -4.99 8.46 28.67
CA SER A 291 -5.79 8.62 29.88
C SER A 291 -7.03 7.75 29.88
N GLY A 292 -7.39 7.15 28.74
CA GLY A 292 -8.56 6.30 28.66
C GLY A 292 -9.87 7.02 28.44
N ARG A 293 -9.85 8.35 28.25
CA ARG A 293 -11.09 9.09 28.06
C ARG A 293 -11.66 8.93 26.67
N LEU A 294 -10.80 8.79 25.65
CA LEU A 294 -11.23 8.66 24.27
C LEU A 294 -11.04 7.22 23.81
N LEU A 295 -12.08 6.65 23.22
CA LEU A 295 -12.03 5.30 22.66
C LEU A 295 -12.15 5.42 21.15
N LEU A 296 -11.04 5.25 20.46
CA LEU A 296 -11.02 5.30 19.00
C LEU A 296 -11.29 3.91 18.44
N ALA A 297 -12.26 3.80 17.56
CA ALA A 297 -12.67 2.52 17.00
C ALA A 297 -12.66 2.58 15.49
N GLY A 298 -12.14 1.53 14.85
CA GLY A 298 -12.13 1.44 13.40
C GLY A 298 -13.38 0.73 12.91
N TYR A 299 -13.87 1.19 11.75
CA TYR A 299 -15.12 0.68 11.19
C TYR A 299 -14.89 0.21 9.77
N ASP A 300 -15.75 -0.71 9.33
CA ASP A 300 -15.72 -1.18 7.95
C ASP A 300 -16.22 -0.13 6.96
N ASP A 301 -16.78 0.97 7.44
CA ASP A 301 -17.28 2.05 6.60
C ASP A 301 -16.20 3.02 6.17
N PHE A 302 -14.93 2.59 6.20
CA PHE A 302 -13.79 3.36 5.75
C PHE A 302 -13.46 4.50 6.70
N ASN A 303 -14.28 4.68 7.72
CA ASN A 303 -14.10 5.75 8.70
C ASN A 303 -13.67 5.16 10.05
N CYS A 304 -13.17 6.03 10.90
CA CYS A 304 -12.85 5.69 12.28
C CYS A 304 -13.42 6.76 13.19
N ASN A 305 -14.04 6.34 14.29
CA ASN A 305 -14.76 7.24 15.18
C ASN A 305 -14.07 7.31 16.53
N VAL A 306 -14.22 8.46 17.20
CA VAL A 306 -13.67 8.68 18.52
C VAL A 306 -14.83 8.83 19.48
N TRP A 307 -14.90 7.94 20.48
CA TRP A 307 -15.98 7.89 21.43
C TRP A 307 -15.51 8.38 22.79
N ASP A 308 -16.27 9.28 23.40
CA ASP A 308 -15.99 9.72 24.76
C ASP A 308 -16.37 8.58 25.69
N ALA A 309 -15.35 7.88 26.20
CA ALA A 309 -15.59 6.62 26.91
C ALA A 309 -16.49 6.80 28.13
N LEU A 310 -16.47 7.97 28.75
CA LEU A 310 -17.29 8.20 29.93
C LEU A 310 -18.68 8.73 29.60
N LYS A 311 -18.86 9.35 28.43
CA LYS A 311 -20.15 9.88 28.03
C LYS A 311 -20.85 9.04 26.97
N ALA A 312 -20.11 8.21 26.24
CA ALA A 312 -20.67 7.33 25.21
C ALA A 312 -21.31 8.11 24.06
N ASP A 313 -20.63 9.17 23.62
CA ASP A 313 -21.03 9.93 22.44
C ASP A 313 -19.80 10.26 21.62
N ARG A 314 -20.01 10.43 20.31
CA ARG A 314 -18.89 10.65 19.41
C ARG A 314 -18.27 12.02 19.63
N ALA A 315 -16.94 12.09 19.49
CA ALA A 315 -16.21 13.34 19.59
C ALA A 315 -15.53 13.74 18.29
N GLY A 316 -15.47 12.85 17.30
CA GLY A 316 -14.85 13.18 16.03
C GLY A 316 -14.75 11.96 15.15
N VAL A 317 -14.33 12.20 13.91
CA VAL A 317 -14.20 11.14 12.91
C VAL A 317 -12.86 11.30 12.22
N LEU A 318 -12.10 10.21 12.12
CA LEU A 318 -10.84 10.20 11.39
C LEU A 318 -11.04 9.65 9.99
N ALA A 319 -11.90 10.31 9.22
CA ALA A 319 -12.24 9.88 7.87
C ALA A 319 -11.13 10.31 6.92
N GLY A 320 -10.23 9.39 6.59
CA GLY A 320 -9.15 9.69 5.67
C GLY A 320 -8.74 8.53 4.79
N HIS A 321 -9.51 7.45 4.82
CA HIS A 321 -9.17 6.23 4.09
C HIS A 321 -10.22 5.92 3.04
N ASP A 322 -9.77 5.39 1.91
CA ASP A 322 -10.65 5.00 0.82
C ASP A 322 -11.18 3.57 0.97
N ASN A 323 -10.75 2.85 2.00
CA ASN A 323 -11.21 1.49 2.24
C ASN A 323 -11.30 1.26 3.74
N ARG A 324 -11.76 0.07 4.12
CA ARG A 324 -11.97 -0.23 5.53
C ARG A 324 -10.65 -0.23 6.29
N VAL A 325 -10.67 0.32 7.49
CA VAL A 325 -9.50 0.30 8.37
C VAL A 325 -9.39 -1.06 9.02
N SER A 326 -8.23 -1.70 8.89
CA SER A 326 -8.03 -3.04 9.42
C SER A 326 -7.27 -3.04 10.75
N CYS A 327 -6.58 -1.96 11.09
CA CYS A 327 -5.81 -1.91 12.33
C CYS A 327 -5.69 -0.48 12.80
N LEU A 328 -5.57 -0.30 14.11
CA LEU A 328 -5.40 1.00 14.72
C LEU A 328 -4.63 0.84 16.01
N GLY A 329 -3.94 1.91 16.42
CA GLY A 329 -3.19 1.86 17.66
C GLY A 329 -2.65 3.20 18.12
N VAL A 330 -2.90 3.52 19.38
CA VAL A 330 -2.38 4.76 19.97
C VAL A 330 -0.96 4.51 20.47
N THR A 331 -0.10 5.50 20.32
CA THR A 331 1.28 5.37 20.76
C THR A 331 1.34 5.14 22.27
N ASP A 332 2.47 4.59 22.71
CA ASP A 332 2.63 4.31 24.14
C ASP A 332 2.58 5.58 24.97
N ASP A 333 3.13 6.66 24.45
CA ASP A 333 3.08 7.96 25.10
C ASP A 333 1.83 8.77 24.76
N GLY A 334 0.96 8.23 23.90
CA GLY A 334 -0.30 8.88 23.59
C GLY A 334 -0.22 10.06 22.65
N MET A 335 0.91 10.27 21.98
CA MET A 335 1.09 11.44 21.15
C MET A 335 0.42 11.32 19.78
N ALA A 336 0.09 10.12 19.33
CA ALA A 336 -0.48 9.95 18.00
C ALA A 336 -1.23 8.63 17.92
N VAL A 337 -2.11 8.54 16.93
CA VAL A 337 -2.86 7.32 16.64
C VAL A 337 -2.67 6.98 15.17
N ALA A 338 -2.25 5.74 14.90
CA ALA A 338 -2.05 5.27 13.55
C ALA A 338 -3.21 4.38 13.13
N THR A 339 -3.61 4.49 11.87
CA THR A 339 -4.67 3.66 11.31
C THR A 339 -4.18 3.02 10.02
N GLY A 340 -4.27 1.71 9.95
CA GLY A 340 -3.97 0.97 8.74
C GLY A 340 -5.26 0.61 8.03
N SER A 341 -5.20 0.53 6.70
CA SER A 341 -6.41 0.31 5.92
C SER A 341 -6.10 -0.57 4.73
N TRP A 342 -7.15 -1.13 4.15
CA TRP A 342 -7.01 -1.96 2.96
C TRP A 342 -6.58 -1.18 1.73
N ASP A 343 -6.60 0.15 1.79
CA ASP A 343 -6.10 0.99 0.70
C ASP A 343 -4.58 1.06 0.65
N SER A 344 -3.88 0.32 1.53
CA SER A 344 -2.43 0.17 1.58
C SER A 344 -1.72 1.38 2.16
N PHE A 345 -2.44 2.33 2.76
CA PHE A 345 -1.82 3.50 3.38
C PHE A 345 -2.07 3.50 4.87
N LEU A 346 -1.03 3.82 5.64
CA LEU A 346 -1.13 4.01 7.08
C LEU A 346 -0.92 5.48 7.37
N LYS A 347 -1.88 6.10 8.06
CA LYS A 347 -1.85 7.53 8.33
C LYS A 347 -1.71 7.78 9.83
N ILE A 348 -0.86 8.74 10.18
CA ILE A 348 -0.64 9.14 11.57
C ILE A 348 -1.49 10.36 11.84
N TRP A 349 -2.31 10.30 12.88
CA TRP A 349 -3.22 11.37 13.24
C TRP A 349 -2.80 12.01 14.55
N ASN A 350 -2.94 13.33 14.63
CA ASN A 350 -2.62 14.07 15.85
C ASN A 350 -3.24 15.45 15.87
N SER B 18 21.49 17.70 6.51
CA SER B 18 21.20 16.82 7.64
C SER B 18 22.42 15.98 8.02
N ALA B 19 22.30 15.29 9.15
CA ALA B 19 23.34 14.40 9.67
C ALA B 19 23.31 13.06 8.94
N GLU B 20 23.92 12.03 9.54
CA GLU B 20 23.87 10.67 9.02
C GLU B 20 22.44 10.21 8.75
N GLU B 21 21.45 10.99 9.20
CA GLU B 21 20.09 10.84 8.70
C GLU B 21 20.04 10.90 7.18
N ARG B 22 21.02 11.53 6.53
CA ARG B 22 21.14 11.41 5.08
C ARG B 22 21.35 9.96 4.67
N ALA B 23 22.22 9.24 5.39
CA ALA B 23 22.42 7.83 5.08
C ALA B 23 21.21 6.98 5.45
N ALA B 24 20.49 7.36 6.51
CA ALA B 24 19.23 6.68 6.81
C ALA B 24 18.22 6.85 5.69
N LEU B 25 18.13 8.05 5.13
CA LEU B 25 17.27 8.29 3.97
C LEU B 25 17.75 7.51 2.76
N GLU B 26 19.07 7.39 2.60
CA GLU B 26 19.62 6.54 1.54
C GLU B 26 19.11 5.11 1.67
N ARG B 27 19.20 4.55 2.88
CA ARG B 27 18.70 3.19 3.11
C ARG B 27 17.20 3.09 2.85
N SER B 28 16.44 4.09 3.31
CA SER B 28 15.01 4.09 3.07
C SER B 28 14.69 4.09 1.58
N LYS B 29 15.39 4.93 0.80
CA LYS B 29 15.16 4.99 -0.63
C LYS B 29 15.55 3.67 -1.32
N ALA B 30 16.66 3.07 -0.87
CA ALA B 30 17.08 1.81 -1.47
C ALA B 30 16.05 0.71 -1.24
N ILE B 31 15.54 0.61 -0.01
CA ILE B 31 14.56 -0.45 0.24
C ILE B 31 13.20 -0.09 -0.38
N GLU B 32 12.90 1.20 -0.56
CA GLU B 32 11.70 1.56 -1.31
C GLU B 32 11.81 1.13 -2.76
N LYS B 33 12.99 1.31 -3.36
CA LYS B 33 13.21 0.83 -4.72
C LYS B 33 13.09 -0.68 -4.80
N ASN B 34 13.62 -1.38 -3.80
CA ASN B 34 13.48 -2.84 -3.77
C ASN B 34 12.02 -3.26 -3.68
N LEU B 35 11.24 -2.58 -2.84
CA LEU B 35 9.81 -2.88 -2.75
C LEU B 35 9.11 -2.63 -4.07
N LYS B 36 9.25 -1.51 -4.74
CA LYS B 36 8.62 -1.38 -6.08
C LYS B 36 9.11 -2.51 -6.98
N GLU B 37 10.40 -2.71 -7.11
CA GLU B 37 10.80 -3.74 -8.05
C GLU B 37 10.11 -5.07 -7.76
N ASP B 38 9.99 -5.43 -6.47
CA ASP B 38 9.31 -6.66 -6.11
C ASP B 38 7.84 -6.61 -6.50
N GLY B 39 7.19 -5.47 -6.28
CA GLY B 39 5.80 -5.33 -6.69
C GLY B 39 5.62 -5.43 -8.19
N ILE B 40 6.52 -4.80 -8.95
CA ILE B 40 6.45 -4.90 -10.41
C ILE B 40 6.60 -6.35 -10.85
N SER B 41 7.56 -7.06 -10.25
CA SER B 41 7.78 -8.46 -10.61
C SER B 41 6.56 -9.31 -10.26
N ALA B 42 5.93 -9.06 -9.12
CA ALA B 42 4.80 -9.86 -8.68
C ALA B 42 3.50 -9.52 -9.38
N ALA B 43 3.41 -8.34 -10.00
CA ALA B 43 2.17 -7.95 -10.66
C ALA B 43 1.78 -8.86 -11.82
N LYS B 44 2.73 -9.59 -12.40
CA LYS B 44 2.44 -10.45 -13.53
C LYS B 44 1.73 -11.75 -13.14
N ASP B 45 1.70 -12.08 -11.86
CA ASP B 45 1.09 -13.34 -11.43
C ASP B 45 -0.43 -13.26 -11.51
N VAL B 46 -1.04 -14.41 -11.80
CA VAL B 46 -2.49 -14.56 -11.84
C VAL B 46 -2.90 -15.41 -10.65
N LYS B 47 -3.63 -14.80 -9.71
CA LYS B 47 -4.08 -15.50 -8.51
C LYS B 47 -5.40 -16.18 -8.79
N LEU B 48 -5.48 -17.46 -8.44
CA LEU B 48 -6.70 -18.25 -8.59
C LEU B 48 -6.97 -18.98 -7.29
N LEU B 49 -8.23 -19.00 -6.87
CA LEU B 49 -8.65 -19.69 -5.66
C LEU B 49 -9.27 -21.02 -6.05
N LEU B 50 -8.75 -22.11 -5.51
CA LEU B 50 -9.19 -23.45 -5.83
C LEU B 50 -10.01 -23.98 -4.67
N LEU B 51 -11.24 -24.41 -4.95
CA LEU B 51 -12.17 -24.85 -3.93
C LEU B 51 -12.82 -26.16 -4.35
N GLY B 52 -13.59 -26.73 -3.44
CA GLY B 52 -14.29 -27.96 -3.70
C GLY B 52 -14.43 -28.78 -2.44
N ALA B 53 -15.11 -29.91 -2.58
CA ALA B 53 -15.22 -30.86 -1.49
C ALA B 53 -13.96 -31.70 -1.38
N ASP B 54 -13.89 -32.51 -0.32
CA ASP B 54 -12.75 -33.40 -0.15
C ASP B 54 -12.74 -34.46 -1.24
N ASN B 55 -11.55 -34.70 -1.80
CA ASN B 55 -11.35 -35.69 -2.87
C ASN B 55 -12.22 -35.38 -4.09
N SER B 56 -12.47 -34.10 -4.35
CA SER B 56 -13.29 -33.68 -5.48
C SER B 56 -12.51 -33.61 -6.79
N GLY B 57 -11.19 -33.80 -6.75
CA GLY B 57 -10.37 -33.72 -7.94
C GLY B 57 -9.42 -32.56 -7.99
N LYS B 58 -9.34 -31.74 -6.94
CA LYS B 58 -8.39 -30.64 -6.92
C LYS B 58 -6.96 -31.16 -7.01
N SER B 59 -6.61 -32.11 -6.15
CA SER B 59 -5.26 -32.69 -6.18
C SER B 59 -5.01 -33.43 -7.49
N THR B 60 -6.07 -33.98 -8.10
CA THR B 60 -5.90 -34.68 -9.38
C THR B 60 -5.42 -33.72 -10.46
N ILE B 61 -6.11 -32.58 -10.61
CA ILE B 61 -5.68 -31.61 -11.61
C ILE B 61 -4.34 -30.99 -11.21
N VAL B 62 -4.09 -30.84 -9.91
CA VAL B 62 -2.80 -30.30 -9.48
C VAL B 62 -1.67 -31.22 -9.92
N LYS B 63 -1.84 -32.53 -9.75
CA LYS B 63 -0.84 -33.49 -10.20
C LYS B 63 -0.73 -33.50 -11.73
N GLN B 64 -1.87 -33.40 -12.42
CA GLN B 64 -1.85 -33.43 -13.88
C GLN B 64 -1.08 -32.24 -14.44
N MET B 65 -1.26 -31.06 -13.87
CA MET B 65 -0.56 -29.86 -14.27
C MET B 65 0.71 -29.60 -13.45
N THR B 79 -2.19 -28.36 7.49
CA THR B 79 -3.37 -27.73 8.07
C THR B 79 -3.51 -26.29 7.61
N GLY B 80 -2.43 -25.75 7.04
CA GLY B 80 -2.41 -24.39 6.56
C GLY B 80 -2.85 -24.28 5.11
N ILE B 81 -2.60 -23.11 4.54
CA ILE B 81 -2.91 -22.86 3.14
C ILE B 81 -1.85 -23.51 2.26
N VAL B 82 -2.28 -24.06 1.13
CA VAL B 82 -1.40 -24.74 0.19
C VAL B 82 -1.45 -23.99 -1.13
N GLU B 83 -0.28 -23.62 -1.64
CA GLU B 83 -0.17 -22.87 -2.88
C GLU B 83 0.47 -23.75 -3.95
N THR B 84 -0.16 -23.79 -5.13
CA THR B 84 0.37 -24.51 -6.28
C THR B 84 0.50 -23.53 -7.43
N HIS B 85 1.66 -23.51 -8.07
CA HIS B 85 1.94 -22.55 -9.13
C HIS B 85 2.42 -23.27 -10.38
N PHE B 86 1.96 -22.79 -11.54
CA PHE B 86 2.38 -23.32 -12.82
C PHE B 86 2.37 -22.19 -13.84
N THR B 87 3.22 -22.30 -14.85
CA THR B 87 3.37 -21.29 -15.87
C THR B 87 2.85 -21.82 -17.20
N PHE B 88 2.00 -21.03 -17.87
CA PHE B 88 1.43 -21.45 -19.14
C PHE B 88 1.26 -20.22 -20.01
N LYS B 89 1.97 -20.19 -21.14
CA LYS B 89 1.93 -19.08 -22.10
C LYS B 89 2.15 -17.74 -21.42
N ASN B 90 3.29 -17.64 -20.71
CA ASN B 90 3.81 -16.41 -20.13
C ASN B 90 2.96 -15.83 -19.02
N LEU B 91 2.03 -16.60 -18.46
CA LEU B 91 1.31 -16.22 -17.24
C LEU B 91 1.68 -17.16 -16.11
N HIS B 92 2.00 -16.59 -14.95
CA HIS B 92 2.39 -17.36 -13.78
C HIS B 92 1.15 -17.53 -12.92
N PHE B 93 0.40 -18.60 -13.19
CA PHE B 93 -0.80 -18.90 -12.42
C PHE B 93 -0.43 -19.39 -11.03
N ARG B 94 -1.13 -18.88 -10.03
CA ARG B 94 -0.96 -19.31 -8.64
C ARG B 94 -2.29 -19.83 -8.13
N LEU B 95 -2.32 -21.10 -7.74
CA LEU B 95 -3.53 -21.76 -7.26
C LEU B 95 -3.42 -21.94 -5.75
N PHE B 96 -4.42 -21.46 -5.03
CA PHE B 96 -4.46 -21.55 -3.56
C PHE B 96 -5.51 -22.57 -3.15
N ASP B 97 -5.06 -23.74 -2.70
CA ASP B 97 -5.96 -24.78 -2.20
C ASP B 97 -6.21 -24.52 -0.72
N VAL B 98 -7.10 -23.57 -0.45
CA VAL B 98 -7.37 -23.13 0.92
C VAL B 98 -8.32 -24.04 1.67
N GLY B 99 -8.76 -25.14 1.04
CA GLY B 99 -9.67 -26.06 1.69
C GLY B 99 -9.10 -26.75 2.92
N GLY B 100 -7.79 -26.68 3.14
CA GLY B 100 -7.18 -27.30 4.29
C GLY B 100 -7.41 -26.57 5.60
N GLN B 101 -7.95 -25.35 5.56
CA GLN B 101 -8.18 -24.58 6.77
C GLN B 101 -9.34 -25.17 7.56
N ARG B 102 -9.06 -25.64 8.77
CA ARG B 102 -10.08 -26.20 9.65
C ARG B 102 -10.68 -25.12 10.54
N SER B 103 -11.21 -24.09 9.90
CA SER B 103 -11.81 -22.96 10.59
C SER B 103 -12.88 -22.35 9.71
N GLU B 104 -13.65 -21.44 10.29
CA GLU B 104 -14.76 -20.81 9.57
C GLU B 104 -14.22 -19.92 8.47
N ARG B 105 -14.79 -20.06 7.26
CA ARG B 105 -14.30 -19.34 6.09
C ARG B 105 -14.48 -17.84 6.24
N LYS B 106 -15.63 -17.40 6.76
CA LYS B 106 -16.03 -16.00 6.63
C LYS B 106 -15.07 -15.05 7.34
N LYS B 107 -14.23 -15.54 8.25
CA LYS B 107 -13.28 -14.67 8.93
C LYS B 107 -11.93 -14.57 8.21
N TRP B 108 -11.70 -15.38 7.18
CA TRP B 108 -10.50 -15.23 6.37
C TRP B 108 -10.75 -15.28 4.87
N ILE B 109 -11.98 -15.53 4.42
CA ILE B 109 -12.24 -15.57 2.99
C ILE B 109 -12.07 -14.21 2.34
N HIS B 110 -12.12 -13.13 3.12
CA HIS B 110 -11.88 -11.80 2.57
C HIS B 110 -10.42 -11.58 2.17
N CYS B 111 -9.51 -12.47 2.56
CA CYS B 111 -8.14 -12.38 2.10
C CYS B 111 -8.05 -12.59 0.60
N PHE B 112 -8.92 -13.43 0.03
CA PHE B 112 -8.88 -13.78 -1.37
C PHE B 112 -9.87 -12.97 -2.20
N GLU B 113 -10.26 -11.78 -1.74
CA GLU B 113 -11.23 -10.99 -2.48
C GLU B 113 -10.66 -10.42 -3.77
N ASP B 114 -9.36 -10.48 -3.98
CA ASP B 114 -8.71 -9.91 -5.15
C ASP B 114 -8.24 -10.97 -6.15
N VAL B 115 -8.64 -12.23 -5.97
CA VAL B 115 -8.24 -13.26 -6.90
C VAL B 115 -8.88 -13.01 -8.26
N THR B 116 -8.17 -13.42 -9.32
CA THR B 116 -8.69 -13.21 -10.68
C THR B 116 -9.95 -14.03 -10.92
N ALA B 117 -9.96 -15.28 -10.46
CA ALA B 117 -11.12 -16.14 -10.65
C ALA B 117 -11.09 -17.25 -9.61
N ILE B 118 -12.24 -17.88 -9.40
CA ILE B 118 -12.39 -18.98 -8.47
C ILE B 118 -12.59 -20.25 -9.27
N ILE B 119 -11.79 -21.28 -8.97
CA ILE B 119 -11.91 -22.57 -9.61
C ILE B 119 -12.61 -23.52 -8.65
N PHE B 120 -13.80 -23.98 -9.04
CA PHE B 120 -14.62 -24.85 -8.20
C PHE B 120 -14.63 -26.24 -8.81
N CYS B 121 -14.21 -27.24 -8.04
CA CYS B 121 -14.11 -28.61 -8.50
C CYS B 121 -15.25 -29.43 -7.92
N VAL B 122 -15.91 -30.22 -8.78
CA VAL B 122 -17.03 -31.04 -8.40
C VAL B 122 -16.78 -32.46 -8.91
N ASP B 123 -16.98 -33.45 -8.05
CA ASP B 123 -16.82 -34.85 -8.41
C ASP B 123 -18.19 -35.41 -8.78
N LEU B 124 -18.41 -35.64 -10.07
CA LEU B 124 -19.67 -36.18 -10.53
C LEU B 124 -19.90 -37.61 -10.07
N SER B 125 -18.85 -38.32 -9.67
CA SER B 125 -18.98 -39.69 -9.20
C SER B 125 -19.47 -39.79 -7.77
N ASP B 126 -19.56 -38.68 -7.05
CA ASP B 126 -20.02 -38.70 -5.66
C ASP B 126 -21.55 -38.67 -5.59
N HIS B 131 -23.05 -33.88 -2.60
CA HIS B 131 -24.33 -33.17 -2.54
C HIS B 131 -24.19 -31.82 -1.86
N GLU B 132 -23.38 -31.77 -0.80
CA GLU B 132 -23.12 -30.51 -0.11
C GLU B 132 -22.30 -29.54 -0.95
N SER B 133 -21.73 -30.01 -2.07
CA SER B 133 -21.00 -29.11 -2.95
C SER B 133 -21.90 -28.00 -3.48
N LEU B 134 -23.19 -28.29 -3.69
CA LEU B 134 -24.10 -27.25 -4.11
C LEU B 134 -24.27 -26.18 -3.04
N MET B 135 -24.41 -26.59 -1.78
CA MET B 135 -24.52 -25.61 -0.71
C MET B 135 -23.24 -24.78 -0.58
N LEU B 136 -22.09 -25.43 -0.66
CA LEU B 136 -20.82 -24.72 -0.61
C LEU B 136 -20.70 -23.74 -1.77
N PHE B 137 -21.11 -24.16 -2.96
CA PHE B 137 -21.00 -23.29 -4.14
C PHE B 137 -21.95 -22.12 -4.04
N ASP B 138 -23.16 -22.34 -3.51
CA ASP B 138 -24.09 -21.23 -3.30
C ASP B 138 -23.51 -20.25 -2.29
N SER B 139 -22.90 -20.76 -1.21
CA SER B 139 -22.31 -19.88 -0.21
C SER B 139 -21.15 -19.07 -0.79
N ILE B 140 -20.32 -19.69 -1.62
CA ILE B 140 -19.11 -19.01 -2.08
C ILE B 140 -19.40 -18.08 -3.26
N CYS B 141 -20.35 -18.44 -4.12
CA CYS B 141 -20.64 -17.65 -5.31
C CYS B 141 -21.38 -16.37 -4.95
N ASN B 142 -22.15 -16.38 -3.87
CA ASN B 142 -22.98 -15.25 -3.47
C ASN B 142 -22.40 -14.51 -2.27
N ASN B 143 -21.12 -14.74 -1.96
CA ASN B 143 -20.50 -14.08 -0.82
C ASN B 143 -20.39 -12.58 -1.08
N LYS B 144 -20.33 -11.81 0.01
CA LYS B 144 -20.24 -10.36 -0.09
C LYS B 144 -19.01 -9.93 -0.88
N PHE B 145 -17.89 -10.62 -0.68
CA PHE B 145 -16.62 -10.24 -1.30
C PHE B 145 -16.47 -10.78 -2.71
N PHE B 146 -17.35 -11.67 -3.17
CA PHE B 146 -17.21 -12.34 -4.46
C PHE B 146 -18.41 -12.11 -5.37
N ILE B 147 -19.15 -11.02 -5.18
CA ILE B 147 -20.24 -10.69 -6.09
C ILE B 147 -19.75 -10.26 -7.46
N ASP B 148 -18.46 -9.94 -7.59
CA ASP B 148 -17.89 -9.51 -8.86
C ASP B 148 -16.75 -10.39 -9.34
N THR B 149 -16.57 -11.57 -8.73
CA THR B 149 -15.53 -12.51 -9.12
C THR B 149 -16.18 -13.71 -9.78
N SER B 150 -15.81 -13.98 -11.02
CA SER B 150 -16.44 -15.05 -11.78
C SER B 150 -15.80 -16.39 -11.43
N ILE B 151 -16.62 -17.40 -11.24
CA ILE B 151 -16.17 -18.73 -10.85
C ILE B 151 -15.98 -19.60 -12.07
N ILE B 152 -14.98 -20.47 -12.01
CA ILE B 152 -14.74 -21.50 -13.01
C ILE B 152 -15.12 -22.84 -12.40
N LEU B 153 -15.98 -23.59 -13.08
CA LEU B 153 -16.55 -24.81 -12.53
C LEU B 153 -16.03 -26.01 -13.33
N PHE B 154 -15.36 -26.93 -12.65
CA PHE B 154 -14.87 -28.15 -13.26
C PHE B 154 -15.70 -29.33 -12.77
N LEU B 155 -16.26 -30.09 -13.69
CA LEU B 155 -17.02 -31.29 -13.37
C LEU B 155 -16.13 -32.49 -13.66
N ASN B 156 -15.36 -32.89 -12.65
CA ASN B 156 -14.40 -33.96 -12.80
C ASN B 156 -15.10 -35.32 -12.81
N LYS B 157 -14.30 -36.38 -12.97
CA LYS B 157 -14.78 -37.76 -12.89
C LYS B 157 -15.89 -38.04 -13.90
N LYS B 158 -15.73 -37.51 -15.11
CA LYS B 158 -16.76 -37.69 -16.14
C LYS B 158 -16.95 -39.16 -16.50
N ASP B 159 -15.84 -39.89 -16.67
CA ASP B 159 -15.93 -41.29 -17.04
C ASP B 159 -16.47 -42.14 -15.90
N LEU B 160 -16.09 -41.82 -14.67
CA LEU B 160 -16.64 -42.53 -13.52
C LEU B 160 -18.13 -42.28 -13.39
N PHE B 161 -18.58 -41.05 -13.67
CA PHE B 161 -20.01 -40.76 -13.68
C PHE B 161 -20.72 -41.56 -14.78
N GLY B 162 -20.09 -41.65 -15.96
CA GLY B 162 -20.67 -42.43 -17.05
C GLY B 162 -20.78 -43.91 -16.71
N GLU B 163 -19.82 -44.43 -15.95
CA GLU B 163 -19.93 -45.81 -15.50
C GLU B 163 -21.00 -45.97 -14.42
N LYS B 164 -21.10 -44.98 -13.52
CA LYS B 164 -22.06 -45.06 -12.43
C LYS B 164 -23.50 -45.01 -12.95
N ILE B 165 -23.77 -44.16 -13.94
CA ILE B 165 -25.14 -44.01 -14.43
C ILE B 165 -25.65 -45.30 -15.08
N LYS B 166 -24.74 -46.20 -15.46
CA LYS B 166 -25.17 -47.48 -16.02
C LYS B 166 -25.80 -48.40 -14.99
N LYS B 167 -25.69 -48.08 -13.70
CA LYS B 167 -26.28 -48.89 -12.65
C LYS B 167 -27.28 -48.15 -11.77
N SER B 168 -27.13 -46.83 -11.65
CA SER B 168 -28.08 -46.02 -10.85
C SER B 168 -28.33 -44.69 -11.57
N PRO B 169 -29.55 -44.08 -11.49
CA PRO B 169 -29.84 -42.77 -12.07
C PRO B 169 -29.74 -41.62 -11.05
N LEU B 170 -29.72 -40.37 -11.51
CA LEU B 170 -29.46 -39.24 -10.59
C LEU B 170 -30.49 -39.18 -9.45
N THR B 171 -31.63 -39.85 -9.57
CA THR B 171 -32.66 -39.70 -8.54
C THR B 171 -32.08 -39.81 -7.14
N ILE B 172 -31.09 -40.68 -6.95
CA ILE B 172 -30.50 -40.86 -5.62
C ILE B 172 -29.83 -39.58 -5.15
N CYS B 173 -29.15 -38.88 -6.05
CA CYS B 173 -28.52 -37.61 -5.70
C CYS B 173 -29.48 -36.44 -5.83
N PHE B 174 -30.41 -36.49 -6.79
CA PHE B 174 -31.39 -35.42 -7.02
C PHE B 174 -32.78 -36.06 -7.12
N PRO B 175 -33.53 -36.11 -6.03
CA PRO B 175 -34.84 -36.78 -6.08
C PRO B 175 -35.87 -36.09 -6.95
N GLU B 176 -35.68 -34.81 -7.29
CA GLU B 176 -36.62 -34.13 -8.16
C GLU B 176 -36.32 -34.32 -9.64
N TYR B 177 -35.22 -35.00 -9.98
CA TYR B 177 -34.86 -35.21 -11.38
C TYR B 177 -35.90 -36.07 -12.08
N THR B 178 -36.41 -35.58 -13.21
CA THR B 178 -37.44 -36.26 -13.98
C THR B 178 -37.01 -36.24 -15.44
N GLY B 179 -36.31 -37.29 -15.86
CA GLY B 179 -35.83 -37.40 -17.22
C GLY B 179 -35.16 -38.73 -17.49
N PRO B 180 -34.69 -38.93 -18.71
CA PRO B 180 -34.02 -40.19 -19.05
C PRO B 180 -32.69 -40.33 -18.34
N ASN B 181 -32.29 -41.60 -18.13
CA ASN B 181 -31.01 -41.90 -17.50
C ASN B 181 -29.98 -41.94 -18.63
N THR B 182 -29.48 -40.76 -18.98
CA THR B 182 -28.50 -40.59 -20.04
C THR B 182 -27.42 -39.62 -19.58
N TYR B 183 -26.19 -39.84 -20.04
CA TYR B 183 -25.08 -38.98 -19.66
C TYR B 183 -25.33 -37.54 -20.11
N GLU B 184 -25.73 -37.37 -21.37
CA GLU B 184 -25.87 -36.02 -21.93
C GLU B 184 -26.91 -35.21 -21.18
N ASP B 185 -28.00 -35.83 -20.76
CA ASP B 185 -29.05 -35.11 -20.05
C ASP B 185 -28.77 -34.97 -18.56
N ALA B 186 -28.28 -36.03 -17.91
CA ALA B 186 -28.02 -35.96 -16.48
C ALA B 186 -26.89 -34.98 -16.17
N ALA B 187 -25.80 -35.03 -16.94
CA ALA B 187 -24.71 -34.10 -16.71
C ALA B 187 -25.14 -32.66 -16.95
N ALA B 188 -25.93 -32.42 -18.00
CA ALA B 188 -26.45 -31.08 -18.26
C ALA B 188 -27.35 -30.62 -17.12
N TYR B 189 -28.16 -31.53 -16.58
CA TYR B 189 -29.01 -31.18 -15.44
C TYR B 189 -28.18 -30.79 -14.22
N ILE B 190 -27.12 -31.54 -13.94
CA ILE B 190 -26.26 -31.22 -12.81
C ILE B 190 -25.60 -29.85 -13.02
N GLN B 191 -25.12 -29.60 -14.23
CA GLN B 191 -24.51 -28.31 -14.55
C GLN B 191 -25.51 -27.18 -14.39
N ALA B 192 -26.77 -27.40 -14.81
CA ALA B 192 -27.80 -26.40 -14.63
C ALA B 192 -28.08 -26.15 -13.15
N GLN B 193 -28.11 -27.21 -12.35
CA GLN B 193 -28.31 -27.04 -10.91
C GLN B 193 -27.21 -26.20 -10.31
N PHE B 194 -25.96 -26.40 -10.73
CA PHE B 194 -24.87 -25.56 -10.24
C PHE B 194 -25.01 -24.13 -10.72
N GLU B 195 -25.29 -23.92 -12.01
CA GLU B 195 -25.40 -22.56 -12.54
C GLU B 195 -26.58 -21.80 -11.98
N SER B 196 -27.60 -22.49 -11.43
CA SER B 196 -28.76 -21.80 -10.91
C SER B 196 -28.48 -21.02 -9.63
N LYS B 197 -27.30 -21.19 -9.02
CA LYS B 197 -27.03 -20.59 -7.72
C LYS B 197 -26.56 -19.15 -7.78
N ASN B 198 -26.21 -18.63 -8.95
CA ASN B 198 -25.77 -17.24 -9.02
C ASN B 198 -26.97 -16.31 -9.18
N ARG B 199 -26.86 -15.14 -8.56
CA ARG B 199 -27.87 -14.09 -8.71
C ARG B 199 -27.30 -12.80 -9.29
N SER B 200 -26.05 -12.47 -8.97
CA SER B 200 -25.47 -11.22 -9.45
C SER B 200 -25.20 -11.32 -10.95
N PRO B 201 -25.76 -10.43 -11.77
CA PRO B 201 -25.49 -10.49 -13.22
C PRO B 201 -24.05 -10.16 -13.58
N ASN B 202 -23.29 -9.52 -12.70
CA ASN B 202 -21.95 -9.05 -13.01
C ASN B 202 -20.90 -10.15 -12.99
N LYS B 203 -21.30 -11.42 -12.99
CA LYS B 203 -20.35 -12.53 -12.99
C LYS B 203 -20.84 -13.61 -13.93
N GLU B 204 -19.91 -14.46 -14.34
CA GLU B 204 -20.20 -15.58 -15.24
C GLU B 204 -19.62 -16.86 -14.67
N ILE B 205 -20.20 -17.98 -15.10
CA ILE B 205 -19.81 -19.30 -14.64
C ILE B 205 -19.30 -20.06 -15.84
N TYR B 206 -18.00 -20.35 -15.86
CA TYR B 206 -17.36 -21.05 -16.98
C TYR B 206 -17.30 -22.53 -16.62
N CYS B 207 -18.29 -23.28 -17.08
CA CYS B 207 -18.34 -24.70 -16.79
C CYS B 207 -17.54 -25.50 -17.80
N HIS B 208 -16.91 -26.57 -17.32
CA HIS B 208 -16.18 -27.50 -18.18
C HIS B 208 -16.21 -28.88 -17.53
N MET B 209 -15.98 -29.91 -18.33
CA MET B 209 -16.12 -31.29 -17.89
C MET B 209 -14.81 -32.01 -18.15
N THR B 210 -14.17 -32.48 -17.09
CA THR B 210 -12.87 -33.13 -17.16
C THR B 210 -13.02 -34.62 -16.85
N CYS B 211 -12.37 -35.45 -17.65
CA CYS B 211 -12.41 -36.90 -17.48
C CYS B 211 -11.29 -37.42 -16.59
N ALA B 212 -10.49 -36.53 -16.00
CA ALA B 212 -9.40 -36.86 -15.09
C ALA B 212 -8.22 -37.48 -15.84
N THR B 213 -8.37 -37.70 -17.13
CA THR B 213 -7.30 -38.20 -17.97
C THR B 213 -6.76 -37.15 -18.95
N ASP B 214 -7.53 -36.10 -19.22
CA ASP B 214 -7.11 -35.07 -20.16
C ASP B 214 -6.29 -33.99 -19.45
N THR B 215 -5.20 -33.58 -20.08
CA THR B 215 -4.34 -32.53 -19.57
C THR B 215 -4.74 -31.14 -20.07
N ASN B 216 -5.88 -31.04 -20.77
CA ASN B 216 -6.31 -29.79 -21.39
C ASN B 216 -6.74 -28.75 -20.36
N ASN B 217 -6.83 -29.14 -19.08
CA ASN B 217 -7.33 -28.23 -18.05
C ASN B 217 -6.53 -26.95 -17.97
N ALA B 218 -5.21 -27.01 -18.20
CA ALA B 218 -4.42 -25.79 -18.18
C ALA B 218 -4.84 -24.83 -19.28
N GLN B 219 -5.10 -25.36 -20.48
CA GLN B 219 -5.57 -24.51 -21.57
C GLN B 219 -6.97 -23.97 -21.28
N VAL B 220 -7.83 -24.77 -20.66
CA VAL B 220 -9.16 -24.29 -20.32
C VAL B 220 -9.08 -23.15 -19.32
N ILE B 221 -8.23 -23.29 -18.29
CA ILE B 221 -8.05 -22.24 -17.32
C ILE B 221 -7.49 -20.99 -17.98
N PHE B 222 -6.53 -21.16 -18.91
CA PHE B 222 -5.98 -20.02 -19.62
C PHE B 222 -7.07 -19.27 -20.40
N ASP B 223 -7.91 -20.01 -21.12
CA ASP B 223 -8.96 -19.36 -21.91
C ASP B 223 -9.94 -18.62 -21.02
N ALA B 224 -10.38 -19.27 -19.93
CA ALA B 224 -11.32 -18.61 -19.03
C ALA B 224 -10.72 -17.38 -18.38
N VAL B 225 -9.46 -17.48 -17.95
CA VAL B 225 -8.80 -16.35 -17.30
C VAL B 225 -8.62 -15.19 -18.28
N THR B 226 -8.25 -15.48 -19.53
CA THR B 226 -8.05 -14.39 -20.47
C THR B 226 -9.37 -13.72 -20.85
N ASP B 227 -10.46 -14.50 -20.95
CA ASP B 227 -11.77 -13.89 -21.16
C ASP B 227 -12.16 -13.01 -19.98
N ILE B 228 -11.93 -13.49 -18.77
CA ILE B 228 -12.22 -12.70 -17.57
C ILE B 228 -11.39 -11.41 -17.58
N ILE B 229 -10.13 -11.50 -18.01
CA ILE B 229 -9.25 -10.35 -18.00
C ILE B 229 -9.70 -9.31 -19.01
N ILE B 230 -10.09 -9.73 -20.22
CA ILE B 230 -10.53 -8.71 -21.17
C ILE B 230 -11.88 -8.13 -20.74
N ALA B 231 -12.73 -8.92 -20.09
CA ALA B 231 -13.96 -8.37 -19.55
C ALA B 231 -13.67 -7.32 -18.49
N ASN B 232 -12.70 -7.60 -17.61
CA ASN B 232 -12.32 -6.63 -16.60
C ASN B 232 -11.69 -5.38 -17.20
N ASN B 233 -10.95 -5.54 -18.30
CA ASN B 233 -10.38 -4.37 -18.97
C ASN B 233 -11.47 -3.50 -19.59
N LEU B 234 -12.45 -4.13 -20.26
CA LEU B 234 -13.57 -3.37 -20.79
C LEU B 234 -14.35 -2.69 -19.68
N ARG B 235 -14.44 -3.32 -18.50
CA ARG B 235 -15.04 -2.66 -17.35
C ARG B 235 -14.21 -1.47 -16.89
N GLY B 236 -12.90 -1.63 -16.85
CA GLY B 236 -12.00 -0.59 -16.40
C GLY B 236 -11.80 0.54 -17.38
N CYS B 237 -12.30 0.39 -18.61
CA CYS B 237 -12.31 1.50 -19.56
C CYS B 237 -13.71 2.10 -19.71
N GLY B 238 -14.62 1.75 -18.80
CA GLY B 238 -15.96 2.31 -18.79
C GLY B 238 -16.87 1.82 -19.90
N LEU B 239 -16.44 0.82 -20.66
CA LEU B 239 -17.20 0.39 -21.83
C LEU B 239 -18.11 -0.80 -21.51
N TYR B 240 -17.64 -1.72 -20.68
CA TYR B 240 -18.41 -2.91 -20.31
C TYR B 240 -19.60 -2.56 -19.43
N HIS C 65 -16.33 39.54 -54.02
CA HIS C 65 -15.39 39.46 -52.92
C HIS C 65 -14.00 39.16 -53.46
N PHE C 66 -13.00 39.81 -52.88
CA PHE C 66 -11.60 39.56 -53.22
C PHE C 66 -10.74 40.09 -52.08
N LEU C 67 -9.54 39.52 -51.96
CA LEU C 67 -8.69 39.84 -50.83
C LEU C 67 -7.24 39.49 -51.17
N GLU C 68 -6.33 40.15 -50.46
CA GLU C 68 -4.89 39.87 -50.67
C GLU C 68 -4.25 39.77 -49.29
N ILE C 69 -3.71 38.59 -48.97
CA ILE C 69 -3.05 38.37 -47.66
C ILE C 69 -1.89 37.39 -47.86
N ASP C 70 -0.81 37.55 -47.10
CA ASP C 70 0.34 36.65 -47.14
C ASP C 70 0.97 36.60 -48.53
N LYS C 71 1.00 37.73 -49.22
CA LYS C 71 1.55 37.84 -50.58
C LYS C 71 0.83 36.91 -51.55
N LYS C 72 -0.46 36.71 -51.35
CA LYS C 72 -1.26 35.87 -52.23
C LYS C 72 -2.69 36.38 -52.27
N ASN C 73 -3.32 36.24 -53.44
CA ASN C 73 -4.69 36.67 -53.61
C ASN C 73 -5.65 35.67 -52.96
N CYS C 74 -6.73 36.19 -52.38
CA CYS C 74 -7.72 35.36 -51.70
C CYS C 74 -9.10 35.94 -51.95
N CYS C 75 -10.13 35.16 -51.65
CA CYS C 75 -11.51 35.63 -51.78
C CYS C 75 -12.39 34.89 -50.79
N VAL C 76 -13.11 35.66 -49.97
CA VAL C 76 -13.98 35.11 -48.93
C VAL C 76 -15.29 35.88 -48.95
N PHE C 77 -16.40 35.14 -48.80
CA PHE C 77 -17.73 35.70 -48.99
C PHE C 77 -18.47 35.83 -47.67
N ARG C 78 -19.57 36.59 -47.72
CA ARG C 78 -20.35 36.95 -46.54
C ARG C 78 -21.85 36.80 -46.81
N ASP C 79 -22.24 35.63 -47.34
CA ASP C 79 -23.64 35.40 -47.70
C ASP C 79 -24.53 35.36 -46.47
N ASP C 80 -25.78 35.82 -46.64
CA ASP C 80 -26.75 35.89 -45.56
C ASP C 80 -27.39 34.54 -45.24
N PHE C 81 -27.27 33.55 -46.13
CA PHE C 81 -27.79 32.22 -45.84
C PHE C 81 -27.16 31.65 -44.56
N ILE C 82 -25.91 32.04 -44.27
CA ILE C 82 -25.30 31.66 -43.00
C ILE C 82 -26.12 32.22 -41.84
N VAL C 83 -26.52 33.49 -41.94
CA VAL C 83 -27.36 34.10 -40.91
C VAL C 83 -28.68 33.36 -40.81
N LYS C 84 -29.22 32.94 -41.96
CA LYS C 84 -30.53 32.30 -41.96
C LYS C 84 -30.50 30.94 -41.29
N VAL C 85 -29.44 30.16 -41.50
CA VAL C 85 -29.43 28.75 -41.11
C VAL C 85 -28.59 28.51 -39.86
N LEU C 86 -27.34 28.99 -39.85
CA LEU C 86 -26.35 28.50 -38.89
C LEU C 86 -26.64 28.84 -37.43
N PRO C 87 -26.99 30.07 -37.05
CA PRO C 87 -26.97 30.45 -35.62
C PRO C 87 -27.85 29.57 -34.73
N PRO C 88 -29.05 29.15 -35.16
CA PRO C 88 -29.80 28.21 -34.28
C PRO C 88 -29.06 26.91 -34.03
N VAL C 89 -28.46 26.33 -35.08
CA VAL C 89 -27.71 25.09 -34.92
C VAL C 89 -26.53 25.30 -33.98
N LEU C 90 -25.81 26.41 -34.17
CA LEU C 90 -24.65 26.66 -33.31
C LEU C 90 -25.07 26.85 -31.86
N GLY C 91 -26.16 27.57 -31.61
CA GLY C 91 -26.62 27.77 -30.25
C GLY C 91 -27.07 26.48 -29.59
N LEU C 92 -27.79 25.64 -30.33
CA LEU C 92 -28.20 24.35 -29.79
C LEU C 92 -26.99 23.47 -29.48
N GLU C 93 -26.01 23.45 -30.39
CA GLU C 93 -24.80 22.68 -30.16
C GLU C 93 -24.06 23.18 -28.91
N PHE C 94 -23.95 24.50 -28.78
CA PHE C 94 -23.27 25.08 -27.62
C PHE C 94 -23.95 24.67 -26.32
N ILE C 95 -25.28 24.84 -26.26
CA ILE C 95 -26.01 24.52 -25.03
C ILE C 95 -25.90 23.04 -24.70
N PHE C 96 -26.12 22.18 -25.71
CA PHE C 96 -26.07 20.74 -25.48
C PHE C 96 -24.67 20.28 -25.06
N GLY C 97 -23.64 20.78 -25.74
CA GLY C 97 -22.29 20.40 -25.37
C GLY C 97 -21.89 20.88 -24.00
N LEU C 98 -22.34 22.08 -23.61
CA LEU C 98 -22.10 22.55 -22.25
C LEU C 98 -22.76 21.63 -21.25
N LEU C 99 -24.06 21.39 -21.42
CA LEU C 99 -24.80 20.57 -20.46
C LEU C 99 -24.24 19.15 -20.39
N GLY C 100 -23.67 18.66 -21.47
CA GLY C 100 -23.05 17.35 -21.45
C GLY C 100 -21.68 17.33 -20.78
N ASN C 101 -20.70 18.02 -21.37
CA ASN C 101 -19.34 17.83 -20.91
C ASN C 101 -19.00 18.61 -19.66
N GLY C 102 -19.70 19.70 -19.33
CA GLY C 102 -19.51 20.30 -18.02
C GLY C 102 -19.92 19.37 -16.90
N LEU C 103 -21.07 18.71 -17.06
CA LEU C 103 -21.50 17.71 -16.09
C LEU C 103 -20.54 16.53 -16.07
N ALA C 104 -20.04 16.13 -17.25
CA ALA C 104 -19.07 15.04 -17.30
C ALA C 104 -17.80 15.38 -16.52
N LEU C 105 -17.30 16.61 -16.70
CA LEU C 105 -16.11 17.05 -15.97
C LEU C 105 -16.40 17.15 -14.48
N TRP C 106 -17.61 17.60 -14.11
CA TRP C 106 -17.97 17.65 -12.71
C TRP C 106 -17.95 16.26 -12.08
N ILE C 107 -18.47 15.26 -12.79
CA ILE C 107 -18.41 13.89 -12.29
C ILE C 107 -16.95 13.42 -12.20
N PHE C 108 -16.16 13.67 -13.23
CA PHE C 108 -14.77 13.25 -13.22
C PHE C 108 -13.98 13.88 -12.09
N CYS C 109 -14.38 15.09 -11.66
CA CYS C 109 -13.66 15.80 -10.61
C CYS C 109 -14.16 15.46 -9.21
N PHE C 110 -15.45 15.21 -9.04
CA PHE C 110 -16.02 15.02 -7.72
C PHE C 110 -16.51 13.61 -7.44
N TRP C 115 -8.75 7.14 -10.42
CA TRP C 115 -8.55 7.32 -11.84
C TRP C 115 -7.74 6.16 -12.40
N LYS C 116 -8.00 5.84 -13.67
CA LYS C 116 -7.21 4.90 -14.45
C LYS C 116 -6.80 5.56 -15.75
N SER C 117 -5.85 4.93 -16.45
CA SER C 117 -5.30 5.51 -17.67
C SER C 117 -6.41 5.84 -18.67
N SER C 118 -7.32 4.89 -18.88
CA SER C 118 -8.46 5.16 -19.76
C SER C 118 -9.31 6.31 -19.24
N ARG C 119 -9.51 6.35 -17.92
CA ARG C 119 -10.31 7.42 -17.33
C ARG C 119 -9.68 8.79 -17.54
N ILE C 120 -8.36 8.88 -17.38
CA ILE C 120 -7.72 10.19 -17.55
C ILE C 120 -7.62 10.57 -19.03
N PHE C 121 -7.50 9.60 -19.93
CA PHE C 121 -7.59 9.94 -21.35
C PHE C 121 -8.98 10.46 -21.69
N LEU C 122 -10.01 9.83 -21.12
CA LEU C 122 -11.38 10.29 -21.34
C LEU C 122 -11.56 11.70 -20.77
N PHE C 123 -10.97 11.96 -19.61
CA PHE C 123 -11.01 13.29 -19.02
C PHE C 123 -10.30 14.32 -19.90
N ASN C 124 -9.18 13.92 -20.51
CA ASN C 124 -8.48 14.82 -21.43
C ASN C 124 -9.35 15.15 -22.64
N LEU C 125 -10.04 14.15 -23.19
CA LEU C 125 -10.95 14.40 -24.31
C LEU C 125 -12.07 15.34 -23.88
N ALA C 126 -12.60 15.14 -22.67
CA ALA C 126 -13.65 16.02 -22.15
C ALA C 126 -13.13 17.44 -22.00
N VAL C 127 -11.89 17.60 -21.54
CA VAL C 127 -11.30 18.93 -21.40
C VAL C 127 -11.17 19.60 -22.76
N ALA C 128 -10.72 18.84 -23.76
CA ALA C 128 -10.58 19.42 -25.10
C ALA C 128 -11.93 19.91 -25.63
N ASP C 129 -12.97 19.07 -25.51
CA ASP C 129 -14.29 19.48 -26.00
C ASP C 129 -14.86 20.64 -25.19
N PHE C 130 -14.64 20.65 -23.88
CA PHE C 130 -15.10 21.75 -23.05
C PHE C 130 -14.44 23.07 -23.45
N LEU C 131 -13.13 23.04 -23.68
CA LEU C 131 -12.44 24.25 -24.14
C LEU C 131 -12.96 24.69 -25.50
N LEU C 132 -13.24 23.74 -26.39
CA LEU C 132 -13.78 24.09 -27.70
C LEU C 132 -15.12 24.81 -27.57
N ILE C 133 -16.03 24.26 -26.76
CA ILE C 133 -17.33 24.89 -26.62
C ILE C 133 -17.24 26.19 -25.83
N ILE C 134 -16.21 26.35 -25.00
CA ILE C 134 -15.99 27.64 -24.34
C ILE C 134 -15.52 28.68 -25.35
N CYS C 135 -14.69 28.27 -26.31
CA CYS C 135 -14.34 29.17 -27.41
C CYS C 135 -15.57 29.52 -28.25
N LEU C 136 -16.50 28.58 -28.36
CA LEU C 136 -17.61 28.72 -29.32
C LEU C 136 -18.45 29.99 -29.18
N PRO C 137 -18.85 30.45 -27.98
CA PRO C 137 -19.69 31.65 -27.92
C PRO C 137 -19.06 32.89 -28.52
N PHE C 138 -17.73 32.98 -28.52
CA PHE C 138 -17.08 34.05 -29.28
C PHE C 138 -17.39 33.91 -30.76
N LEU C 139 -17.47 32.68 -31.26
CA LEU C 139 -17.86 32.48 -32.66
C LEU C 139 -19.34 32.80 -32.85
N MET C 140 -20.17 32.54 -31.85
CA MET C 140 -21.54 33.04 -31.86
C MET C 140 -21.58 34.55 -32.08
N ASP C 141 -20.80 35.29 -31.27
CA ASP C 141 -20.75 36.75 -31.42
C ASP C 141 -20.21 37.13 -32.79
N ASN C 142 -19.24 36.38 -33.30
CA ASN C 142 -18.63 36.68 -34.60
C ASN C 142 -19.66 36.54 -35.71
N TYR C 143 -20.39 35.44 -35.74
CA TYR C 143 -21.41 35.23 -36.77
C TYR C 143 -22.57 36.21 -36.60
N VAL C 144 -23.00 36.48 -35.37
CA VAL C 144 -24.14 37.35 -35.14
C VAL C 144 -23.88 38.76 -35.64
N ARG C 145 -22.62 39.16 -35.74
CA ARG C 145 -22.24 40.49 -36.20
C ARG C 145 -21.54 40.45 -37.56
N ARG C 146 -21.81 39.41 -38.35
CA ARG C 146 -21.47 39.36 -39.77
C ARG C 146 -19.96 39.47 -40.02
N TRP C 147 -19.19 38.69 -39.26
CA TRP C 147 -17.73 38.71 -39.36
C TRP C 147 -17.14 40.09 -39.13
N ASP C 148 -17.80 40.90 -38.30
CA ASP C 148 -17.20 42.15 -37.81
C ASP C 148 -16.59 41.87 -36.44
N TRP C 149 -15.36 41.38 -36.46
CA TRP C 149 -14.64 41.00 -35.25
C TRP C 149 -14.18 42.28 -34.54
N LYS C 150 -15.11 42.86 -33.78
CA LYS C 150 -14.82 44.09 -33.04
C LYS C 150 -13.89 43.84 -31.86
N PHE C 151 -13.72 42.58 -31.44
CA PHE C 151 -12.85 42.30 -30.31
C PHE C 151 -11.40 42.69 -30.60
N GLY C 152 -10.93 42.41 -31.80
CA GLY C 152 -9.64 42.93 -32.24
C GLY C 152 -8.51 41.93 -32.34
N ASP C 153 -7.28 42.42 -32.19
CA ASP C 153 -6.06 41.68 -32.45
C ASP C 153 -5.90 40.48 -31.52
N ILE C 154 -5.63 40.74 -30.24
CA ILE C 154 -5.29 39.68 -29.29
C ILE C 154 -6.42 38.68 -29.10
N PRO C 155 -7.72 39.08 -29.03
CA PRO C 155 -8.74 38.02 -28.90
C PRO C 155 -8.82 37.15 -30.14
N CYS C 156 -8.56 37.71 -31.32
CA CYS C 156 -8.55 36.89 -32.53
C CYS C 156 -7.42 35.88 -32.51
N ARG C 157 -6.20 36.32 -32.17
CA ARG C 157 -5.10 35.37 -32.15
C ARG C 157 -5.28 34.33 -31.05
N LEU C 158 -5.93 34.70 -29.95
CA LEU C 158 -6.19 33.70 -28.92
C LEU C 158 -7.27 32.72 -29.37
N MET C 159 -8.35 33.22 -29.96
CA MET C 159 -9.49 32.38 -30.31
C MET C 159 -9.13 31.37 -31.39
N LEU C 160 -8.49 31.83 -32.47
CA LEU C 160 -8.18 30.91 -33.56
C LEU C 160 -7.25 29.80 -33.07
N PHE C 161 -6.20 30.19 -32.35
CA PHE C 161 -5.25 29.22 -31.80
C PHE C 161 -5.96 28.21 -30.90
N MET C 162 -6.79 28.70 -29.97
CA MET C 162 -7.41 27.80 -29.01
C MET C 162 -8.43 26.89 -29.66
N LEU C 163 -9.24 27.41 -30.59
CA LEU C 163 -10.20 26.53 -31.33
C LEU C 163 -9.43 25.43 -32.04
N ALA C 164 -8.47 25.80 -32.89
CA ALA C 164 -7.70 24.81 -33.69
C ALA C 164 -6.91 23.86 -32.80
N MET C 165 -6.51 24.24 -31.58
CA MET C 165 -5.88 23.32 -30.64
C MET C 165 -6.92 22.39 -30.03
N ASN C 166 -8.11 22.90 -29.71
CA ASN C 166 -9.16 22.07 -29.16
C ASN C 166 -9.64 21.02 -30.16
N ARG C 167 -9.82 21.38 -31.42
CA ARG C 167 -10.22 20.30 -32.36
C ARG C 167 -9.11 19.27 -32.38
N GLN C 168 -7.90 19.67 -32.73
CA GLN C 168 -6.83 18.64 -32.87
C GLN C 168 -6.67 17.83 -31.57
N GLY C 169 -6.92 18.40 -30.40
CA GLY C 169 -6.87 17.61 -29.18
C GLY C 169 -8.02 16.63 -29.09
N SER C 170 -9.22 17.07 -29.45
CA SER C 170 -10.37 16.16 -29.43
C SER C 170 -10.15 14.98 -30.37
N ILE C 171 -9.68 15.25 -31.59
CA ILE C 171 -9.43 14.17 -32.54
C ILE C 171 -8.38 13.22 -32.00
N ILE C 172 -7.27 13.77 -31.48
CA ILE C 172 -6.15 12.95 -31.05
C ILE C 172 -6.53 12.11 -29.83
N PHE C 173 -7.30 12.67 -28.90
CA PHE C 173 -7.70 11.89 -27.75
C PHE C 173 -8.77 10.86 -28.09
N LEU C 174 -9.62 11.12 -29.08
CA LEU C 174 -10.46 10.05 -29.60
C LEU C 174 -9.62 8.90 -30.12
N THR C 175 -8.57 9.21 -30.88
CA THR C 175 -7.71 8.18 -31.43
C THR C 175 -6.99 7.41 -30.32
N VAL C 176 -6.50 8.12 -29.30
CA VAL C 176 -5.77 7.45 -28.22
C VAL C 176 -6.72 6.59 -27.38
N VAL C 177 -7.97 7.03 -27.21
CA VAL C 177 -8.94 6.19 -26.52
C VAL C 177 -9.22 4.92 -27.31
N ALA C 178 -9.33 5.04 -28.64
CA ALA C 178 -9.52 3.85 -29.47
C ALA C 178 -8.33 2.91 -29.35
N VAL C 179 -7.11 3.45 -29.34
CA VAL C 179 -5.93 2.61 -29.21
C VAL C 179 -5.90 1.92 -27.86
N ASP C 180 -6.28 2.63 -26.80
CA ASP C 180 -6.34 2.01 -25.47
C ASP C 180 -7.36 0.88 -25.44
N ARG C 181 -8.53 1.09 -26.06
CA ARG C 181 -9.51 0.02 -26.15
C ARG C 181 -8.95 -1.19 -26.91
N TYR C 182 -8.26 -0.93 -28.02
CA TYR C 182 -7.67 -2.02 -28.80
C TYR C 182 -6.69 -2.81 -27.96
N PHE C 183 -5.82 -2.13 -27.22
CA PHE C 183 -4.87 -2.85 -26.39
C PHE C 183 -5.55 -3.55 -25.22
N ARG C 184 -6.71 -3.05 -24.78
CA ARG C 184 -7.43 -3.70 -23.71
C ARG C 184 -8.21 -4.93 -24.17
N VAL C 185 -8.53 -5.04 -25.46
CA VAL C 185 -9.29 -6.16 -25.97
C VAL C 185 -8.44 -7.11 -26.80
N VAL C 186 -7.59 -6.58 -27.68
CA VAL C 186 -6.84 -7.45 -28.59
C VAL C 186 -5.58 -8.03 -27.94
N HIS C 187 -4.91 -7.26 -27.09
CA HIS C 187 -3.69 -7.71 -26.42
C HIS C 187 -3.83 -7.48 -24.92
N PRO C 188 -4.69 -8.26 -24.26
CA PRO C 188 -4.96 -8.00 -22.83
C PRO C 188 -3.75 -8.14 -21.93
N HIS C 189 -2.87 -9.10 -22.21
CA HIS C 189 -1.76 -9.39 -21.31
C HIS C 189 -0.55 -8.49 -21.57
N HIS C 190 -0.62 -7.60 -22.55
CA HIS C 190 0.49 -6.70 -22.84
C HIS C 190 0.66 -5.70 -21.69
N ALA C 191 1.91 -5.35 -21.42
CA ALA C 191 2.23 -4.52 -20.26
C ALA C 191 1.61 -3.13 -20.34
N LEU C 192 1.22 -2.69 -21.54
CA LEU C 192 0.59 -1.37 -21.68
C LEU C 192 -0.72 -1.28 -20.91
N ASN C 193 -1.36 -2.41 -20.64
CA ASN C 193 -2.65 -2.42 -19.96
C ASN C 193 -2.54 -2.23 -18.46
N LYS C 194 -1.34 -2.24 -17.90
CA LYS C 194 -1.14 -2.09 -16.46
C LYS C 194 -0.20 -0.93 -16.15
N ILE C 195 -0.19 0.09 -17.02
CA ILE C 195 0.65 1.25 -16.78
C ILE C 195 0.15 2.03 -15.58
N SER C 196 1.08 2.68 -14.88
CA SER C 196 0.73 3.48 -13.72
C SER C 196 0.11 4.80 -14.15
N ASN C 197 -0.60 5.43 -13.22
CA ASN C 197 -1.23 6.71 -13.51
C ASN C 197 -0.20 7.78 -13.85
N ARG C 198 1.02 7.65 -13.33
CA ARG C 198 2.07 8.61 -13.66
C ARG C 198 2.47 8.53 -15.13
N THR C 199 2.65 7.31 -15.65
CA THR C 199 3.02 7.15 -17.04
C THR C 199 1.91 7.65 -17.96
N ALA C 200 0.67 7.33 -17.63
CA ALA C 200 -0.45 7.83 -18.43
C ALA C 200 -0.53 9.35 -18.37
N ALA C 201 -0.28 9.93 -17.19
CA ALA C 201 -0.33 11.38 -17.06
C ALA C 201 0.75 12.06 -17.87
N ILE C 202 1.98 11.51 -17.86
CA ILE C 202 3.05 12.13 -18.64
C ILE C 202 2.80 11.93 -20.13
N ILE C 203 2.20 10.79 -20.52
CA ILE C 203 1.84 10.61 -21.93
C ILE C 203 0.80 11.64 -22.35
N SER C 204 -0.19 11.88 -21.48
CA SER C 204 -1.22 12.86 -21.79
C SER C 204 -0.63 14.27 -21.88
N CYS C 205 0.29 14.60 -20.97
CA CYS C 205 0.91 15.92 -21.02
C CYS C 205 1.77 16.09 -22.27
N LEU C 206 2.49 15.04 -22.66
CA LEU C 206 3.25 15.09 -23.90
C LEU C 206 2.34 15.26 -25.11
N LEU C 207 1.19 14.57 -25.11
CA LEU C 207 0.27 14.69 -26.23
C LEU C 207 -0.34 16.09 -26.28
N TRP C 208 -0.66 16.65 -25.12
CA TRP C 208 -1.11 18.04 -25.06
C TRP C 208 -0.04 18.98 -25.58
N GLY C 209 1.22 18.72 -25.25
CA GLY C 209 2.31 19.53 -25.77
C GLY C 209 2.43 19.45 -27.28
N ILE C 210 2.25 18.25 -27.82
CA ILE C 210 2.28 18.09 -29.28
C ILE C 210 1.14 18.88 -29.91
N THR C 211 -0.07 18.76 -29.35
CA THR C 211 -1.21 19.47 -29.90
C THR C 211 -1.04 20.99 -29.80
N ILE C 212 -0.38 21.46 -28.74
CA ILE C 212 -0.22 22.90 -28.57
C ILE C 212 0.88 23.45 -29.48
N GLY C 213 1.97 22.69 -29.65
CA GLY C 213 3.03 23.14 -30.53
C GLY C 213 2.68 22.99 -32.00
N LEU C 214 1.76 22.08 -32.31
CA LEU C 214 1.33 21.88 -33.69
C LEU C 214 0.51 23.06 -34.20
N THR C 215 0.13 23.99 -33.34
CA THR C 215 -0.75 25.09 -33.69
C THR C 215 -0.26 26.45 -33.21
N VAL C 216 0.64 26.50 -32.21
CA VAL C 216 1.09 27.78 -31.65
C VAL C 216 1.70 28.68 -32.72
N HIS C 217 2.18 28.10 -33.82
CA HIS C 217 2.75 28.91 -34.90
C HIS C 217 1.70 29.84 -35.51
N LEU C 218 0.42 29.48 -35.33
CA LEU C 218 -0.68 30.28 -35.91
C LEU C 218 -1.05 31.43 -34.95
N LEU C 219 -0.59 31.37 -33.70
CA LEU C 219 -0.84 32.45 -32.75
C LEU C 219 -0.03 33.69 -33.07
N LYS C 220 1.17 33.52 -33.64
CA LYS C 220 2.05 34.64 -33.90
C LYS C 220 1.51 35.58 -34.97
N LYS C 221 0.65 35.10 -35.86
CA LYS C 221 0.26 35.90 -37.02
C LYS C 221 -0.56 37.10 -36.57
N LYS C 222 -0.36 38.22 -37.25
CA LYS C 222 -0.96 39.51 -36.90
C LYS C 222 -2.41 39.57 -37.39
N MET C 223 -3.28 38.90 -36.64
CA MET C 223 -4.72 39.02 -36.82
C MET C 223 -5.20 40.38 -36.31
N PRO C 224 -6.37 40.84 -36.77
CA PRO C 224 -7.29 40.26 -37.78
C PRO C 224 -6.98 40.71 -39.21
N ILE C 225 -7.89 40.46 -40.14
CA ILE C 225 -7.71 40.78 -41.55
C ILE C 225 -8.89 41.65 -42.01
N GLN C 226 -8.57 42.76 -42.66
CA GLN C 226 -9.58 43.68 -43.18
C GLN C 226 -10.00 43.29 -44.58
N ASN C 227 -11.31 43.18 -44.80
CA ASN C 227 -11.86 42.96 -46.13
C ASN C 227 -13.08 43.85 -46.28
N GLY C 228 -13.01 44.80 -47.21
CA GLY C 228 -14.09 45.76 -47.37
C GLY C 228 -14.33 46.52 -46.08
N GLY C 229 -15.59 46.62 -45.70
CA GLY C 229 -15.98 47.26 -44.45
C GLY C 229 -16.10 46.32 -43.27
N ALA C 230 -15.75 45.06 -43.44
CA ALA C 230 -15.87 44.05 -42.39
C ALA C 230 -14.49 43.61 -41.93
N ASN C 231 -14.35 43.40 -40.62
CA ASN C 231 -13.07 43.04 -40.01
C ASN C 231 -13.12 41.55 -39.70
N LEU C 232 -12.58 40.74 -40.61
CA LEU C 232 -12.72 39.29 -40.51
C LEU C 232 -11.64 38.70 -39.62
N CYS C 233 -12.06 37.78 -38.75
CA CYS C 233 -11.17 36.97 -37.92
C CYS C 233 -11.36 35.51 -38.34
N SER C 234 -10.59 35.10 -39.35
CA SER C 234 -10.72 33.75 -39.90
C SER C 234 -9.38 33.31 -40.48
N SER C 235 -9.26 32.00 -40.69
CA SER C 235 -8.02 31.47 -41.31
C SER C 235 -8.35 30.56 -42.49
N PHE C 236 -9.60 30.15 -42.65
CA PHE C 236 -9.85 29.22 -43.76
C PHE C 236 -10.10 30.00 -45.06
N SER C 237 -9.35 31.08 -45.28
CA SER C 237 -9.66 31.88 -46.49
C SER C 237 -9.24 31.07 -47.72
N ILE C 238 -10.00 31.11 -48.82
CA ILE C 238 -9.67 30.27 -50.00
C ILE C 238 -8.66 31.00 -50.90
N CYS C 239 -7.59 30.33 -51.37
CA CYS C 239 -6.63 30.92 -52.28
C CYS C 239 -5.57 29.90 -52.69
N HIS C 240 -4.86 30.23 -53.80
CA HIS C 240 -4.00 29.29 -54.58
C HIS C 240 -2.67 28.81 -54.03
N THR C 241 -2.33 29.19 -52.79
CA THR C 241 -1.01 28.83 -52.23
C THR C 241 -1.21 27.75 -51.17
N PHE C 242 -0.13 27.31 -50.49
CA PHE C 242 -0.40 26.34 -49.35
C PHE C 242 0.11 26.71 -47.89
N GLN C 243 -0.68 26.48 -46.84
CA GLN C 243 -0.22 26.68 -45.44
C GLN C 243 -0.25 25.32 -44.73
N TRP C 244 0.49 25.13 -43.65
CA TRP C 244 0.39 23.80 -43.01
C TRP C 244 -1.06 23.57 -42.62
N HIS C 245 -1.78 24.68 -42.48
CA HIS C 245 -3.21 24.71 -42.13
C HIS C 245 -4.03 23.71 -42.92
N GLU C 246 -3.76 23.50 -44.19
CA GLU C 246 -4.66 22.67 -44.97
C GLU C 246 -4.22 21.21 -44.95
N ALA C 247 -2.91 20.97 -45.10
CA ALA C 247 -2.42 19.59 -45.11
C ALA C 247 -2.72 18.90 -43.79
N MET C 248 -2.49 19.58 -42.67
CA MET C 248 -2.74 18.96 -41.37
C MET C 248 -4.23 18.88 -41.07
N PHE C 249 -5.04 19.80 -41.60
CA PHE C 249 -6.48 19.67 -41.47
C PHE C 249 -6.98 18.42 -42.18
N LEU C 250 -6.29 18.04 -43.25
CA LEU C 250 -6.78 16.90 -44.06
C LEU C 250 -6.11 15.61 -43.60
N LEU C 251 -5.00 15.68 -42.85
CA LEU C 251 -4.43 14.48 -42.25
C LEU C 251 -5.04 14.17 -40.89
N GLU C 252 -5.41 15.19 -40.11
CA GLU C 252 -6.05 14.95 -38.82
C GLU C 252 -7.39 14.25 -38.98
N PHE C 253 -7.97 14.28 -40.17
CA PHE C 253 -9.11 13.42 -40.46
C PHE C 253 -8.67 12.06 -40.99
N PHE C 254 -7.84 12.04 -42.04
CA PHE C 254 -7.56 10.78 -42.72
C PHE C 254 -6.83 9.79 -41.82
N LEU C 255 -5.71 10.21 -41.22
CA LEU C 255 -4.91 9.26 -40.43
C LEU C 255 -5.65 8.80 -39.18
N PRO C 256 -6.22 9.67 -38.34
CA PRO C 256 -7.03 9.19 -37.22
C PRO C 256 -8.19 8.32 -37.66
N LEU C 257 -8.81 8.59 -38.81
CA LEU C 257 -9.84 7.69 -39.31
C LEU C 257 -9.30 6.30 -39.56
N GLY C 258 -8.10 6.22 -40.15
CA GLY C 258 -7.49 4.92 -40.39
C GLY C 258 -7.22 4.17 -39.10
N ILE C 259 -6.65 4.85 -38.12
CA ILE C 259 -6.36 4.19 -36.84
C ILE C 259 -7.66 3.77 -36.16
N ILE C 260 -8.66 4.63 -36.17
CA ILE C 260 -9.95 4.32 -35.55
C ILE C 260 -10.55 3.07 -36.19
N LEU C 261 -10.58 3.03 -37.52
CA LEU C 261 -11.19 1.90 -38.21
C LEU C 261 -10.41 0.61 -37.94
N PHE C 262 -9.08 0.68 -37.99
CA PHE C 262 -8.27 -0.50 -37.71
C PHE C 262 -8.53 -1.04 -36.31
N CYS C 263 -8.48 -0.15 -35.31
CA CYS C 263 -8.66 -0.60 -33.93
C CYS C 263 -10.06 -1.15 -33.70
N SER C 264 -11.09 -0.46 -34.21
CA SER C 264 -12.45 -0.92 -34.01
C SER C 264 -12.67 -2.27 -34.68
N ALA C 265 -12.17 -2.44 -35.91
CA ALA C 265 -12.33 -3.72 -36.59
C ALA C 265 -11.63 -4.84 -35.86
N ARG C 266 -10.41 -4.58 -35.37
CA ARG C 266 -9.69 -5.62 -34.64
C ARG C 266 -10.41 -5.99 -33.35
N ILE C 267 -10.93 -5.01 -32.62
CA ILE C 267 -11.66 -5.31 -31.38
C ILE C 267 -12.89 -6.14 -31.68
N ILE C 268 -13.66 -5.74 -32.71
CA ILE C 268 -14.88 -6.45 -33.05
C ILE C 268 -14.57 -7.89 -33.43
N TRP C 269 -13.56 -8.09 -34.29
CA TRP C 269 -13.22 -9.43 -34.74
C TRP C 269 -12.72 -10.29 -33.58
N SER C 270 -11.88 -9.71 -32.71
CA SER C 270 -11.38 -10.48 -31.58
C SER C 270 -12.50 -10.89 -30.63
N LEU C 271 -13.43 -9.98 -30.36
CA LEU C 271 -14.55 -10.33 -29.49
C LEU C 271 -15.43 -11.41 -30.12
N ARG C 272 -15.69 -11.31 -31.42
CA ARG C 272 -16.60 -12.28 -32.03
C ARG C 272 -15.95 -13.65 -32.21
N GLN C 273 -14.68 -13.70 -32.59
CA GLN C 273 -13.95 -15.00 -32.80
C GLN C 273 -13.85 -15.76 -31.48
N ARG C 274 -13.83 -15.04 -30.37
CA ARG C 274 -13.68 -15.66 -29.06
C ARG C 274 -14.98 -16.18 -28.50
N GLN C 275 -16.08 -16.09 -29.25
CA GLN C 275 -17.37 -16.71 -28.92
C GLN C 275 -17.93 -16.21 -27.59
N MET C 276 -17.71 -14.94 -27.26
CA MET C 276 -18.41 -14.30 -26.16
C MET C 276 -19.24 -13.10 -26.59
N ASP C 277 -19.40 -12.90 -27.90
CA ASP C 277 -20.29 -11.85 -28.38
C ASP C 277 -21.74 -12.10 -27.95
N ARG C 278 -22.09 -13.35 -27.68
CA ARG C 278 -23.45 -13.69 -27.27
C ARG C 278 -23.83 -13.09 -25.92
N HIS C 279 -22.86 -12.64 -25.13
CA HIS C 279 -23.18 -12.02 -23.84
C HIS C 279 -23.80 -10.65 -24.06
N ALA C 280 -24.77 -10.30 -23.21
CA ALA C 280 -25.51 -9.05 -23.39
C ALA C 280 -24.58 -7.84 -23.28
N LYS C 281 -23.66 -7.86 -22.32
CA LYS C 281 -22.70 -6.76 -22.19
C LYS C 281 -21.79 -6.68 -23.41
N ILE C 282 -21.35 -7.83 -23.92
CA ILE C 282 -20.47 -7.87 -25.08
C ILE C 282 -21.33 -7.86 -26.34
N LYS C 283 -22.64 -7.67 -26.18
CA LYS C 283 -23.53 -7.43 -27.30
C LYS C 283 -23.78 -5.94 -27.52
N ARG C 284 -23.52 -5.11 -26.51
CA ARG C 284 -23.55 -3.65 -26.62
C ARG C 284 -22.16 -3.05 -26.73
N ALA C 285 -21.16 -3.72 -26.15
CA ALA C 285 -19.76 -3.33 -26.23
C ALA C 285 -19.23 -3.35 -27.65
N ILE C 286 -19.96 -3.97 -28.55
CA ILE C 286 -19.60 -4.02 -29.96
C ILE C 286 -20.34 -2.95 -30.75
N THR C 287 -21.65 -2.85 -30.53
CA THR C 287 -22.44 -1.79 -31.14
C THR C 287 -21.85 -0.43 -30.84
N PHE C 288 -21.38 -0.25 -29.57
CA PHE C 288 -20.85 1.04 -29.04
C PHE C 288 -19.43 1.34 -29.48
N ILE C 289 -18.71 0.39 -30.01
CA ILE C 289 -17.45 0.60 -30.69
C ILE C 289 -17.68 0.90 -32.17
N MET C 290 -18.73 0.31 -32.76
CA MET C 290 -19.08 0.67 -34.13
C MET C 290 -19.59 2.11 -34.22
N VAL C 291 -20.49 2.50 -33.32
CA VAL C 291 -21.08 3.83 -33.40
C VAL C 291 -20.05 4.92 -33.07
N VAL C 292 -18.98 4.60 -32.35
CA VAL C 292 -17.94 5.61 -32.15
C VAL C 292 -17.32 6.02 -33.48
N ALA C 293 -16.93 5.03 -34.28
CA ALA C 293 -16.38 5.34 -35.60
C ALA C 293 -17.42 5.98 -36.50
N ILE C 294 -18.68 5.54 -36.41
CA ILE C 294 -19.72 6.15 -37.23
C ILE C 294 -19.89 7.63 -36.87
N VAL C 295 -19.89 7.94 -35.58
CA VAL C 295 -20.01 9.33 -35.14
C VAL C 295 -18.83 10.14 -35.62
N PHE C 296 -17.63 9.59 -35.52
CA PHE C 296 -16.45 10.29 -36.03
C PHE C 296 -16.61 10.62 -37.51
N VAL C 297 -17.06 9.63 -38.29
CA VAL C 297 -17.19 9.81 -39.72
C VAL C 297 -18.21 10.89 -40.04
N ILE C 298 -19.41 10.79 -39.46
CA ILE C 298 -20.47 11.81 -39.74
C ILE C 298 -19.96 13.17 -39.34
N CYS C 299 -19.31 13.25 -38.19
CA CYS C 299 -18.95 14.55 -37.65
C CYS C 299 -17.88 15.24 -38.48
N PHE C 300 -16.92 14.49 -39.01
CA PHE C 300 -15.82 15.18 -39.69
C PHE C 300 -15.83 15.09 -41.21
N LEU C 301 -16.37 14.03 -41.81
CA LEU C 301 -16.22 13.83 -43.25
C LEU C 301 -16.74 14.99 -44.10
N PRO C 302 -17.95 15.54 -43.86
CA PRO C 302 -18.48 16.54 -44.81
C PRO C 302 -17.58 17.75 -45.00
N SER C 303 -17.01 18.29 -43.92
CA SER C 303 -16.11 19.43 -44.05
C SER C 303 -14.88 19.04 -44.87
N VAL C 304 -14.41 17.82 -44.70
CA VAL C 304 -13.14 17.42 -45.36
C VAL C 304 -13.37 17.13 -46.83
N VAL C 305 -14.54 16.64 -47.20
CA VAL C 305 -14.82 16.45 -48.62
C VAL C 305 -15.13 17.78 -49.29
N VAL C 306 -15.80 18.70 -48.57
CA VAL C 306 -16.09 20.00 -49.17
C VAL C 306 -14.80 20.79 -49.38
N ARG C 307 -13.85 20.70 -48.44
CA ARG C 307 -12.58 21.38 -48.65
C ARG C 307 -11.75 20.68 -49.74
N ILE C 308 -11.96 19.37 -49.92
CA ILE C 308 -11.36 18.69 -51.06
C ILE C 308 -11.92 19.24 -52.36
N ARG C 309 -13.22 19.53 -52.38
CA ARG C 309 -13.82 20.18 -53.54
C ARG C 309 -13.23 21.57 -53.75
N ILE C 310 -13.00 22.30 -52.67
CA ILE C 310 -12.32 23.60 -52.75
C ILE C 310 -10.95 23.44 -53.41
N PHE C 311 -10.18 22.46 -52.95
CA PHE C 311 -8.84 22.24 -53.50
C PHE C 311 -8.90 21.85 -54.97
N TRP C 312 -9.90 21.02 -55.29
CA TRP C 312 -10.03 20.56 -56.70
C TRP C 312 -10.31 21.77 -57.60
N LEU C 313 -11.29 22.57 -57.20
CA LEU C 313 -11.65 23.73 -58.01
C LEU C 313 -10.48 24.70 -58.12
N LEU C 314 -9.74 24.90 -57.02
CA LEU C 314 -8.59 25.78 -57.05
C LEU C 314 -7.52 25.27 -58.01
N HIS C 315 -7.28 23.96 -58.01
CA HIS C 315 -6.23 23.41 -58.87
C HIS C 315 -6.65 23.34 -60.33
N THR C 316 -7.94 23.16 -60.61
CA THR C 316 -8.39 23.01 -61.99
C THR C 316 -8.73 24.34 -62.66
N SER C 317 -9.35 25.27 -61.93
CA SER C 317 -9.79 26.54 -62.52
C SER C 317 -9.11 27.76 -61.93
N GLY C 318 -8.35 27.63 -60.84
CA GLY C 318 -7.69 28.77 -60.26
C GLY C 318 -8.65 29.70 -59.54
N THR C 319 -8.11 30.85 -59.15
CA THR C 319 -8.88 31.87 -58.44
C THR C 319 -9.00 33.16 -59.23
N GLN C 320 -8.89 33.08 -60.57
CA GLN C 320 -9.03 34.28 -61.40
C GLN C 320 -10.45 34.82 -61.40
N ASN C 321 -11.43 34.01 -60.98
CA ASN C 321 -12.82 34.46 -60.92
C ASN C 321 -13.49 33.64 -59.81
N CYS C 322 -13.70 34.27 -58.66
CA CYS C 322 -14.19 33.57 -57.48
C CYS C 322 -15.72 33.49 -57.42
N GLU C 323 -16.42 33.95 -58.45
CA GLU C 323 -17.89 33.94 -58.42
C GLU C 323 -18.45 32.54 -58.27
N VAL C 324 -17.74 31.53 -58.78
CA VAL C 324 -18.23 30.15 -58.71
C VAL C 324 -17.99 29.50 -57.37
N TYR C 325 -17.52 30.25 -56.37
CA TYR C 325 -17.16 29.67 -55.08
C TYR C 325 -18.17 29.97 -53.98
N ARG C 326 -19.21 30.74 -54.26
CA ARG C 326 -20.15 31.14 -53.21
C ARG C 326 -20.80 29.93 -52.55
N SER C 327 -21.38 29.04 -53.37
CA SER C 327 -22.11 27.91 -52.83
C SER C 327 -21.19 26.96 -52.06
N VAL C 328 -19.99 26.70 -52.59
CA VAL C 328 -19.12 25.76 -51.92
C VAL C 328 -18.54 26.34 -50.64
N ASP C 329 -18.28 27.66 -50.61
CA ASP C 329 -17.84 28.30 -49.37
C ASP C 329 -18.95 28.24 -48.32
N LEU C 330 -20.19 28.50 -48.74
CA LEU C 330 -21.32 28.37 -47.83
C LEU C 330 -21.43 26.96 -47.29
N ALA C 331 -21.26 25.96 -48.15
CA ALA C 331 -21.28 24.57 -47.72
C ALA C 331 -20.15 24.28 -46.73
N PHE C 332 -18.97 24.85 -46.97
CA PHE C 332 -17.84 24.63 -46.08
C PHE C 332 -18.15 25.14 -44.67
N PHE C 333 -18.60 26.38 -44.57
CA PHE C 333 -18.92 26.91 -43.24
C PHE C 333 -20.18 26.31 -42.63
N ILE C 334 -21.07 25.74 -43.43
CA ILE C 334 -22.24 25.09 -42.86
C ILE C 334 -21.89 23.69 -42.37
N THR C 335 -20.92 23.03 -43.01
CA THR C 335 -20.50 21.71 -42.59
C THR C 335 -19.48 21.76 -41.44
N LEU C 336 -18.78 22.85 -41.24
CA LEU C 336 -17.83 22.74 -40.10
C LEU C 336 -18.63 22.64 -38.80
N SER C 337 -19.87 23.09 -38.77
CA SER C 337 -20.62 22.87 -37.53
C SER C 337 -20.66 21.40 -37.13
N PHE C 338 -20.35 20.49 -38.05
CA PHE C 338 -20.34 19.06 -37.68
C PHE C 338 -19.16 18.74 -36.78
N THR C 339 -18.06 19.49 -36.91
CA THR C 339 -16.98 19.36 -35.95
C THR C 339 -17.41 19.77 -34.55
N TYR C 340 -18.48 20.55 -34.46
CA TYR C 340 -19.02 20.90 -33.11
C TYR C 340 -20.02 19.81 -32.71
N MET C 341 -20.84 19.33 -33.65
CA MET C 341 -21.69 18.19 -33.31
C MET C 341 -20.88 17.05 -32.73
N ASN C 342 -19.61 16.92 -33.16
CA ASN C 342 -18.69 16.05 -32.44
C ASN C 342 -18.70 16.37 -30.95
N SER C 343 -18.72 17.67 -30.61
CA SER C 343 -18.65 18.05 -29.21
C SER C 343 -19.97 17.82 -28.49
N MET C 344 -21.11 18.03 -29.17
CA MET C 344 -22.39 17.78 -28.50
C MET C 344 -22.64 16.28 -28.35
N LEU C 345 -22.27 15.50 -29.36
CA LEU C 345 -22.41 14.05 -29.31
C LEU C 345 -21.30 13.38 -28.52
N ASP C 346 -20.38 14.14 -27.93
CA ASP C 346 -19.28 13.56 -27.18
C ASP C 346 -19.71 12.60 -26.05
N PRO C 347 -20.75 12.88 -25.24
CA PRO C 347 -21.05 12.00 -24.11
C PRO C 347 -21.43 10.56 -24.46
N VAL C 348 -21.46 10.20 -25.75
CA VAL C 348 -21.70 8.81 -26.10
C VAL C 348 -20.55 7.95 -25.57
N VAL C 349 -19.34 8.51 -25.50
CA VAL C 349 -18.19 7.80 -24.98
C VAL C 349 -18.12 7.87 -23.45
N TYR C 350 -18.73 8.88 -22.83
CA TYR C 350 -18.72 9.00 -21.38
C TYR C 350 -19.94 8.33 -20.75
N TYR C 351 -21.13 8.78 -21.12
CA TYR C 351 -22.34 8.42 -20.37
C TYR C 351 -22.81 7.02 -20.72
N PHE C 352 -23.18 6.81 -21.97
CA PHE C 352 -23.92 5.61 -22.36
C PHE C 352 -22.98 4.39 -22.41
N SER C 353 -23.60 3.22 -22.26
CA SER C 353 -22.95 1.92 -22.27
C SER C 353 -22.12 1.70 -21.00
N SER C 354 -22.05 2.73 -20.15
CA SER C 354 -21.38 2.66 -18.86
C SER C 354 -22.39 2.46 -17.74
N PRO C 355 -22.01 1.77 -16.67
CA PRO C 355 -22.93 1.67 -15.53
C PRO C 355 -22.97 2.94 -14.68
N SER C 356 -21.86 3.67 -14.60
CA SER C 356 -21.73 4.74 -13.60
C SER C 356 -22.69 5.89 -13.87
N ALA D 7 -18.35 -39.59 26.63
CA ALA D 7 -17.49 -38.46 26.28
C ALA D 7 -18.15 -37.13 26.66
N SER D 8 -19.46 -37.04 26.43
CA SER D 8 -20.19 -35.82 26.77
C SER D 8 -20.22 -35.59 28.27
N ILE D 9 -20.13 -36.65 29.07
CA ILE D 9 -20.17 -36.51 30.52
C ILE D 9 -18.97 -35.69 31.00
N ALA D 10 -17.78 -36.01 30.48
CA ALA D 10 -16.58 -35.27 30.88
C ALA D 10 -16.64 -33.82 30.45
N GLN D 11 -17.14 -33.57 29.23
CA GLN D 11 -17.26 -32.19 28.75
C GLN D 11 -18.24 -31.39 29.62
N ALA D 12 -19.38 -31.99 29.96
CA ALA D 12 -20.35 -31.32 30.82
C ALA D 12 -19.77 -31.08 32.21
N ARG D 13 -19.01 -32.04 32.74
CA ARG D 13 -18.37 -31.84 34.04
C ARG D 13 -17.36 -30.70 33.98
N LYS D 14 -16.59 -30.61 32.89
CA LYS D 14 -15.64 -29.51 32.74
C LYS D 14 -16.37 -28.17 32.68
N LEU D 15 -17.47 -28.11 31.92
CA LEU D 15 -18.22 -26.86 31.80
C LEU D 15 -18.80 -26.45 33.16
N VAL D 16 -19.37 -27.40 33.91
CA VAL D 16 -19.95 -27.05 35.19
C VAL D 16 -18.87 -26.68 36.20
N GLU D 17 -17.69 -27.31 36.12
CA GLU D 17 -16.59 -26.91 36.98
C GLU D 17 -16.13 -25.49 36.67
N GLN D 18 -16.05 -25.14 35.38
CA GLN D 18 -15.71 -23.77 35.00
C GLN D 18 -16.74 -22.79 35.54
N LEU D 19 -18.03 -23.13 35.40
CA LEU D 19 -19.07 -22.24 35.91
C LEU D 19 -18.98 -22.10 37.43
N LYS D 20 -18.68 -23.19 38.14
CA LYS D 20 -18.55 -23.11 39.59
C LYS D 20 -17.36 -22.23 39.99
N MET D 21 -16.23 -22.41 39.33
CA MET D 21 -15.06 -21.58 39.63
C MET D 21 -15.25 -20.13 39.19
N GLU D 22 -16.20 -19.87 38.30
CA GLU D 22 -16.47 -18.52 37.83
C GLU D 22 -17.51 -17.80 38.69
N ALA D 23 -18.47 -18.52 39.25
CA ALA D 23 -19.55 -17.88 40.00
C ALA D 23 -19.08 -17.36 41.35
N ASN D 24 -18.04 -17.98 41.92
CA ASN D 24 -17.57 -17.60 43.25
C ASN D 24 -16.74 -16.33 43.26
N ILE D 25 -16.42 -15.76 42.09
CA ILE D 25 -15.61 -14.55 42.04
C ILE D 25 -16.33 -13.40 42.73
N ASP D 26 -15.59 -12.67 43.57
CA ASP D 26 -16.15 -11.53 44.27
C ASP D 26 -16.43 -10.40 43.29
N ARG D 27 -17.54 -9.68 43.52
CA ARG D 27 -17.99 -8.61 42.63
C ARG D 27 -18.32 -7.38 43.44
N ILE D 28 -17.82 -6.23 42.97
CA ILE D 28 -18.11 -4.94 43.58
C ILE D 28 -19.25 -4.28 42.81
N LYS D 29 -19.87 -3.29 43.44
CA LYS D 29 -20.99 -2.60 42.81
C LYS D 29 -20.52 -1.80 41.60
N VAL D 30 -21.43 -1.63 40.63
CA VAL D 30 -21.12 -0.87 39.42
C VAL D 30 -20.79 0.57 39.77
N SER D 31 -21.38 1.12 40.81
CA SER D 31 -21.11 2.50 41.20
C SER D 31 -19.63 2.70 41.50
N LYS D 32 -19.04 1.80 42.28
CA LYS D 32 -17.63 1.94 42.66
C LYS D 32 -16.73 1.82 41.44
N ALA D 33 -17.00 0.84 40.57
CA ALA D 33 -16.15 0.65 39.39
C ALA D 33 -16.25 1.85 38.44
N ALA D 34 -17.47 2.35 38.22
CA ALA D 34 -17.64 3.51 37.36
C ALA D 34 -16.98 4.75 37.95
N ALA D 35 -17.12 4.95 39.26
CA ALA D 35 -16.48 6.08 39.91
C ALA D 35 -14.97 5.99 39.81
N ASP D 36 -14.41 4.79 39.93
CA ASP D 36 -12.97 4.63 39.83
C ASP D 36 -12.47 4.85 38.40
N LEU D 37 -13.24 4.39 37.41
CA LEU D 37 -12.86 4.68 36.03
C LEU D 37 -12.91 6.18 35.75
N MET D 38 -13.93 6.86 36.24
CA MET D 38 -14.01 8.31 36.07
C MET D 38 -12.86 9.02 36.78
N ALA D 39 -12.50 8.55 37.97
CA ALA D 39 -11.40 9.16 38.70
C ALA D 39 -10.07 8.96 37.97
N TYR D 40 -9.84 7.78 37.41
CA TYR D 40 -8.65 7.56 36.61
C TYR D 40 -8.63 8.45 35.38
N CYS D 41 -9.78 8.58 34.70
CA CYS D 41 -9.83 9.43 33.53
C CYS D 41 -9.60 10.89 33.88
N GLU D 42 -10.04 11.32 35.06
CA GLU D 42 -9.87 12.70 35.50
C GLU D 42 -8.43 12.98 35.92
N ALA D 43 -7.81 12.05 36.64
CA ALA D 43 -6.47 12.29 37.17
C ALA D 43 -5.43 12.40 36.07
N HIS D 44 -5.63 11.70 34.96
CA HIS D 44 -4.68 11.69 33.84
C HIS D 44 -5.15 12.55 32.67
N ALA D 45 -6.16 13.39 32.88
CA ALA D 45 -6.66 14.21 31.78
C ALA D 45 -5.61 15.18 31.28
N LYS D 46 -4.81 15.75 32.19
CA LYS D 46 -3.80 16.72 31.81
C LYS D 46 -2.61 16.09 31.09
N GLU D 47 -2.52 14.76 31.06
CA GLU D 47 -1.42 14.06 30.42
C GLU D 47 -1.87 13.27 29.20
N ASP D 48 -2.92 13.75 28.52
CA ASP D 48 -3.49 13.07 27.37
C ASP D 48 -3.39 14.00 26.16
N PRO D 49 -2.38 13.84 25.31
CA PRO D 49 -2.21 14.76 24.17
C PRO D 49 -3.35 14.73 23.17
N LEU D 50 -4.15 13.68 23.14
CA LEU D 50 -5.19 13.59 22.11
C LEU D 50 -6.44 14.38 22.48
N LEU D 51 -6.80 14.41 23.77
CA LEU D 51 -8.00 15.15 24.18
C LEU D 51 -7.69 16.59 24.54
N THR D 52 -6.48 16.88 25.03
CA THR D 52 -5.99 18.24 25.13
C THR D 52 -5.01 18.47 23.99
N PRO D 53 -5.38 19.22 22.95
CA PRO D 53 -4.52 19.32 21.77
C PRO D 53 -3.13 19.84 22.10
N VAL D 54 -2.12 19.24 21.49
CA VAL D 54 -0.73 19.55 21.76
C VAL D 54 -0.28 20.68 20.83
N PRO D 55 0.40 21.70 21.34
CA PRO D 55 0.90 22.76 20.46
C PRO D 55 2.04 22.28 19.59
N ALA D 56 2.19 22.93 18.43
CA ALA D 56 3.21 22.51 17.46
C ALA D 56 4.63 22.73 17.95
N SER D 57 4.82 23.51 19.02
CA SER D 57 6.17 23.75 19.53
C SER D 57 6.78 22.49 20.13
N GLU D 58 5.95 21.63 20.72
CA GLU D 58 6.43 20.39 21.32
C GLU D 58 5.88 19.15 20.66
N ASN D 59 5.01 19.29 19.68
CA ASN D 59 4.45 18.15 18.96
C ASN D 59 5.53 17.55 18.06
N PRO D 60 5.89 16.27 18.24
CA PRO D 60 6.93 15.68 17.38
C PRO D 60 6.47 15.40 15.96
N PHE D 61 5.17 15.36 15.71
CA PHE D 61 4.63 15.13 14.37
C PHE D 61 4.22 16.43 13.67
N ARG D 62 4.78 17.56 14.09
CA ARG D 62 4.46 18.85 13.49
C ARG D 62 4.90 18.91 12.03
N ASP E 1 31.89 -16.62 11.83
CA ASP E 1 31.95 -15.36 12.56
C ASP E 1 32.10 -14.18 11.60
N VAL E 2 31.99 -12.96 12.14
CA VAL E 2 32.17 -11.76 11.33
C VAL E 2 33.64 -11.46 11.20
N GLN E 3 34.11 -11.32 9.96
CA GLN E 3 35.53 -11.10 9.69
C GLN E 3 35.69 -10.01 8.65
N LEU E 4 36.63 -9.10 8.90
CA LEU E 4 37.11 -8.14 7.91
C LEU E 4 38.62 -8.27 7.85
N VAL E 5 39.13 -8.86 6.78
CA VAL E 5 40.56 -9.07 6.58
C VAL E 5 40.97 -8.39 5.29
N GLU E 6 42.06 -7.64 5.34
CA GLU E 6 42.55 -6.88 4.20
C GLU E 6 43.96 -7.30 3.85
N SER E 7 44.35 -7.03 2.62
CA SER E 7 45.68 -7.38 2.13
C SER E 7 46.13 -6.32 1.14
N GLY E 8 47.45 -6.24 0.95
CA GLY E 8 48.01 -5.29 0.00
C GLY E 8 48.99 -4.31 0.61
N GLY E 9 49.64 -4.71 1.70
CA GLY E 9 50.64 -3.88 2.32
C GLY E 9 52.00 -4.02 1.67
N GLY E 10 53.03 -3.60 2.38
CA GLY E 10 54.40 -3.76 1.94
C GLY E 10 55.01 -2.46 1.43
N LEU E 11 56.25 -2.59 0.97
CA LEU E 11 57.02 -1.44 0.52
C LEU E 11 56.50 -0.94 -0.83
N VAL E 12 56.52 0.39 -0.99
CA VAL E 12 56.18 1.03 -2.26
C VAL E 12 57.07 2.25 -2.42
N GLN E 13 57.49 2.52 -3.66
CA GLN E 13 58.28 3.71 -3.93
C GLN E 13 57.37 4.94 -3.95
N PRO E 14 57.88 6.09 -3.51
CA PRO E 14 57.06 7.31 -3.54
C PRO E 14 56.61 7.62 -4.96
N GLY E 15 55.37 8.11 -5.08
CA GLY E 15 54.78 8.38 -6.37
C GLY E 15 54.17 7.19 -7.08
N GLY E 16 54.26 5.99 -6.49
CA GLY E 16 53.73 4.80 -7.11
C GLY E 16 52.24 4.66 -6.89
N SER E 17 51.73 3.47 -7.21
CA SER E 17 50.33 3.15 -7.04
C SER E 17 50.20 1.74 -6.47
N ARG E 18 49.12 1.52 -5.71
CA ARG E 18 48.92 0.24 -5.06
C ARG E 18 47.43 0.04 -4.82
N LYS E 19 47.02 -1.22 -4.75
CA LYS E 19 45.66 -1.63 -4.45
C LYS E 19 45.59 -2.22 -3.04
N LEU E 20 44.71 -1.66 -2.22
CA LEU E 20 44.39 -2.22 -0.91
C LEU E 20 42.98 -2.79 -0.97
N SER E 21 42.86 -4.08 -0.65
CA SER E 21 41.60 -4.80 -0.80
C SER E 21 41.13 -5.31 0.55
N CYS E 22 39.84 -5.10 0.84
CA CYS E 22 39.23 -5.54 2.08
C CYS E 22 38.24 -6.66 1.77
N SER E 23 38.40 -7.80 2.45
CA SER E 23 37.56 -8.96 2.25
C SER E 23 36.63 -9.13 3.44
N ALA E 24 35.34 -9.22 3.18
CA ALA E 24 34.32 -9.33 4.23
C ALA E 24 33.60 -10.66 4.12
N SER E 25 33.34 -11.27 5.28
CA SER E 25 32.63 -12.54 5.33
C SER E 25 31.88 -12.64 6.65
N GLY E 26 30.77 -13.37 6.63
CA GLY E 26 29.97 -13.59 7.81
C GLY E 26 28.90 -12.54 8.07
N PHE E 27 28.73 -11.57 7.18
CA PHE E 27 27.69 -10.55 7.37
C PHE E 27 27.25 -10.04 6.01
N ALA E 28 26.10 -9.38 6.00
CA ALA E 28 25.46 -8.89 4.77
C ALA E 28 26.21 -7.64 4.28
N PHE E 29 27.31 -7.89 3.57
CA PHE E 29 28.18 -6.81 3.12
C PHE E 29 27.43 -5.78 2.28
N SER E 30 26.45 -6.23 1.49
CA SER E 30 25.76 -5.33 0.58
C SER E 30 25.02 -4.22 1.33
N SER E 31 24.45 -4.55 2.49
CA SER E 31 23.63 -3.60 3.23
C SER E 31 24.44 -2.65 4.10
N PHE E 32 25.73 -2.89 4.29
CA PHE E 32 26.57 -2.04 5.14
C PHE E 32 27.33 -1.02 4.32
N GLY E 33 27.50 0.16 4.89
CA GLY E 33 28.49 1.09 4.39
C GLY E 33 29.87 0.77 4.91
N MET E 34 30.89 1.18 4.16
CA MET E 34 32.26 0.81 4.50
C MET E 34 33.15 2.03 4.46
N HIS E 35 34.03 2.14 5.46
CA HIS E 35 34.98 3.22 5.57
C HIS E 35 36.40 2.66 5.50
N TRP E 36 37.35 3.56 5.25
CA TRP E 36 38.77 3.28 5.42
C TRP E 36 39.33 4.26 6.44
N VAL E 37 39.98 3.72 7.47
CA VAL E 37 40.61 4.52 8.51
C VAL E 37 42.06 4.09 8.62
N ARG E 38 42.97 5.07 8.63
CA ARG E 38 44.40 4.78 8.65
C ARG E 38 45.01 5.37 9.91
N GLN E 39 46.04 4.70 10.41
CA GLN E 39 46.73 5.10 11.62
C GLN E 39 48.22 5.27 11.32
N ALA E 40 48.74 6.47 11.58
CA ALA E 40 50.15 6.73 11.37
C ALA E 40 50.98 5.83 12.29
N PRO E 41 52.25 5.59 11.94
CA PRO E 41 53.05 4.63 12.72
C PRO E 41 53.13 4.94 14.21
N GLU E 42 53.10 6.22 14.59
CA GLU E 42 53.16 6.58 16.00
C GLU E 42 52.18 7.71 16.33
N LYS E 43 51.04 7.76 15.64
CA LYS E 43 50.05 8.80 15.87
C LYS E 43 48.66 8.18 15.93
N GLY E 44 47.65 9.05 15.98
CA GLY E 44 46.27 8.60 16.10
C GLY E 44 45.63 8.30 14.76
N LEU E 45 44.37 7.88 14.83
CA LEU E 45 43.61 7.51 13.64
C LEU E 45 43.31 8.73 12.79
N GLU E 46 43.02 8.47 11.51
CA GLU E 46 42.59 9.50 10.58
C GLU E 46 41.68 8.85 9.55
N TRP E 47 40.58 9.54 9.23
CA TRP E 47 39.60 9.00 8.31
C TRP E 47 40.04 9.25 6.87
N VAL E 48 39.81 8.27 6.01
CA VAL E 48 40.35 8.33 4.64
C VAL E 48 39.25 8.43 3.61
N ALA E 49 38.37 7.43 3.55
CA ALA E 49 37.35 7.40 2.51
C ALA E 49 36.13 6.64 3.00
N TYR E 50 34.98 6.98 2.45
CA TYR E 50 33.71 6.35 2.80
C TYR E 50 32.94 6.05 1.52
N ILE E 51 32.41 4.83 1.43
CA ILE E 51 31.54 4.43 0.33
C ILE E 51 30.25 3.86 0.92
N SER E 52 29.11 4.39 0.50
CA SER E 52 27.84 4.00 1.07
C SER E 52 27.35 2.70 0.45
N SER E 53 26.27 2.16 1.03
CA SER E 53 25.65 0.96 0.49
C SER E 53 25.11 1.24 -0.91
N GLY E 54 25.40 0.32 -1.83
CA GLY E 54 25.06 0.53 -3.22
C GLY E 54 25.90 1.56 -3.93
N SER E 55 26.99 2.01 -3.33
CA SER E 55 27.91 2.98 -3.93
C SER E 55 27.21 4.26 -4.33
N GLY E 56 26.13 4.62 -3.62
CA GLY E 56 25.39 5.81 -3.98
C GLY E 56 26.18 7.09 -3.79
N THR E 57 26.88 7.21 -2.67
CA THR E 57 27.70 8.38 -2.37
C THR E 57 29.08 7.94 -1.89
N ILE E 58 30.08 8.72 -2.25
CA ILE E 58 31.47 8.47 -1.87
C ILE E 58 32.07 9.77 -1.36
N TYR E 59 32.79 9.68 -0.25
CA TYR E 59 33.46 10.84 0.33
C TYR E 59 34.92 10.53 0.56
N TYR E 60 35.75 11.57 0.51
CA TYR E 60 37.18 11.43 0.72
C TYR E 60 37.66 12.52 1.67
N ALA E 61 38.77 12.23 2.34
CA ALA E 61 39.40 13.23 3.18
C ALA E 61 40.00 14.36 2.34
N ASP E 62 40.29 15.48 3.00
CA ASP E 62 40.86 16.61 2.29
C ASP E 62 42.23 16.27 1.72
N THR E 63 43.03 15.52 2.47
CA THR E 63 44.37 15.15 2.03
C THR E 63 44.39 13.90 1.16
N VAL E 64 43.24 13.42 0.73
CA VAL E 64 43.16 12.17 -0.02
C VAL E 64 42.42 12.40 -1.34
N LYS E 65 41.61 13.45 -1.39
CA LYS E 65 40.80 13.71 -2.57
C LYS E 65 41.66 13.82 -3.82
N GLY E 66 41.25 13.14 -4.88
CA GLY E 66 41.96 13.14 -6.14
C GLY E 66 42.99 12.04 -6.28
N ARG E 67 43.60 11.60 -5.19
CA ARG E 67 44.64 10.57 -5.26
C ARG E 67 44.08 9.16 -5.12
N PHE E 68 43.21 8.94 -4.13
CA PHE E 68 42.63 7.63 -3.89
C PHE E 68 41.22 7.55 -4.48
N THR E 69 40.72 6.32 -4.58
CA THR E 69 39.32 6.09 -4.90
C THR E 69 38.90 4.78 -4.25
N ILE E 70 37.63 4.72 -3.82
CA ILE E 70 37.09 3.59 -3.08
C ILE E 70 36.04 2.90 -3.93
N SER E 71 36.10 1.57 -3.97
CA SER E 71 35.14 0.78 -4.71
C SER E 71 34.84 -0.49 -3.93
N ARG E 72 33.69 -1.08 -4.24
CA ARG E 72 33.25 -2.28 -3.52
C ARG E 72 32.69 -3.32 -4.48
N LYS E 76 30.66 -10.34 -4.43
CA LYS E 76 31.96 -10.91 -4.10
C LYS E 76 32.38 -10.55 -2.68
N ASN E 77 31.70 -9.55 -2.10
CA ASN E 77 31.93 -9.11 -0.73
C ASN E 77 33.38 -8.67 -0.52
N THR E 78 33.80 -7.69 -1.33
CA THR E 78 35.14 -7.13 -1.23
C THR E 78 35.08 -5.62 -1.41
N LEU E 79 35.98 -4.93 -0.70
CA LEU E 79 36.16 -3.49 -0.84
C LEU E 79 37.58 -3.20 -1.27
N PHE E 80 37.75 -2.18 -2.11
CA PHE E 80 39.05 -1.85 -2.67
C PHE E 80 39.38 -0.39 -2.42
N LEU E 81 40.67 -0.11 -2.26
CA LEU E 81 41.19 1.26 -2.25
C LEU E 81 42.28 1.35 -3.30
N GLN E 82 42.02 2.08 -4.38
CA GLN E 82 43.01 2.37 -5.40
C GLN E 82 43.78 3.62 -4.99
N MET E 83 45.04 3.43 -4.60
CA MET E 83 45.88 4.52 -4.14
C MET E 83 46.89 4.88 -5.22
N THR E 84 46.91 6.16 -5.60
CA THR E 84 47.79 6.64 -6.66
C THR E 84 48.56 7.86 -6.16
N SER E 85 49.75 8.05 -6.72
CA SER E 85 50.61 9.20 -6.38
C SER E 85 50.87 9.26 -4.88
N LEU E 86 51.36 8.16 -4.33
CA LEU E 86 51.59 8.07 -2.89
C LEU E 86 52.65 9.07 -2.45
N ARG E 87 52.33 9.85 -1.42
CA ARG E 87 53.29 10.77 -0.83
C ARG E 87 54.15 10.03 0.19
N SER E 88 55.08 10.77 0.80
CA SER E 88 55.84 10.21 1.91
C SER E 88 54.98 10.07 3.16
N GLU E 89 53.93 10.88 3.28
CA GLU E 89 53.10 10.92 4.47
C GLU E 89 51.94 9.94 4.43
N ASP E 90 51.81 9.15 3.37
CA ASP E 90 50.73 8.18 3.28
C ASP E 90 51.05 6.86 3.96
N THR E 91 52.23 6.71 4.55
CA THR E 91 52.55 5.50 5.27
C THR E 91 51.72 5.42 6.56
N ALA E 92 51.01 4.31 6.72
CA ALA E 92 50.10 4.11 7.85
C ALA E 92 49.53 2.70 7.76
N MET E 93 48.92 2.26 8.87
CA MET E 93 48.17 1.03 8.89
C MET E 93 46.71 1.33 8.56
N TYR E 94 46.18 0.65 7.54
CA TYR E 94 44.86 0.96 6.99
C TYR E 94 43.85 -0.06 7.48
N TYR E 95 42.84 0.41 8.20
CA TYR E 95 41.78 -0.44 8.71
C TYR E 95 40.54 -0.35 7.83
N CYS E 96 39.79 -1.44 7.80
CA CYS E 96 38.54 -1.54 7.04
C CYS E 96 37.40 -1.57 8.04
N VAL E 97 36.52 -0.57 7.98
CA VAL E 97 35.49 -0.36 8.98
C VAL E 97 34.13 -0.44 8.32
N ARG E 98 33.23 -1.25 8.89
CA ARG E 98 31.86 -1.31 8.43
C ARG E 98 31.00 -0.36 9.25
N SER E 99 29.86 0.03 8.67
CA SER E 99 28.91 0.86 9.37
C SER E 99 27.57 0.80 8.66
N ILE E 100 26.49 0.73 9.43
CA ILE E 100 25.14 0.72 8.88
C ILE E 100 24.36 1.84 9.55
N TYR E 101 23.56 2.56 8.76
CA TYR E 101 22.85 3.74 9.23
C TYR E 101 21.35 3.51 9.11
N TYR E 102 20.67 3.55 10.26
CA TYR E 102 19.22 3.62 10.36
C TYR E 102 18.92 3.99 11.79
N TYR E 103 17.64 4.26 12.08
CA TYR E 103 17.28 4.68 13.43
C TYR E 103 17.63 3.61 14.43
N GLY E 104 18.52 3.92 15.37
CA GLY E 104 18.95 2.98 16.36
C GLY E 104 20.15 2.14 15.98
N SER E 105 20.75 2.37 14.82
CA SER E 105 21.91 1.60 14.39
C SER E 105 23.15 2.02 15.15
N SER E 106 24.21 1.23 14.99
CA SER E 106 25.47 1.43 15.72
C SER E 106 26.61 1.48 14.72
N PRO E 107 26.85 2.65 14.11
CA PRO E 107 27.92 2.75 13.11
C PRO E 107 29.29 2.48 13.70
N PHE E 108 30.21 2.06 12.82
CA PHE E 108 31.60 1.79 13.18
C PHE E 108 31.70 0.66 14.19
N ASP E 109 30.78 -0.30 14.15
CA ASP E 109 30.72 -1.32 15.18
C ASP E 109 31.89 -2.29 15.10
N PHE E 110 32.30 -2.66 13.89
CA PHE E 110 33.35 -3.66 13.72
C PHE E 110 34.46 -3.12 12.83
N TRP E 111 35.70 -3.41 13.22
CA TRP E 111 36.90 -2.94 12.55
C TRP E 111 37.74 -4.11 12.05
N GLY E 112 38.39 -3.90 10.91
CA GLY E 112 39.28 -4.91 10.37
C GLY E 112 40.58 -4.98 11.14
N GLN E 113 41.49 -5.82 10.63
CA GLN E 113 42.77 -6.03 11.29
C GLN E 113 43.84 -5.05 10.84
N GLY E 114 43.76 -4.56 9.61
CA GLY E 114 44.70 -3.54 9.17
C GLY E 114 45.88 -4.11 8.42
N THR E 115 46.36 -3.35 7.44
CA THR E 115 47.53 -3.70 6.64
C THR E 115 48.56 -2.59 6.80
N THR E 116 49.77 -2.96 7.20
CA THR E 116 50.85 -1.99 7.29
C THR E 116 51.32 -1.62 5.88
N LEU E 117 51.31 -0.34 5.57
CA LEU E 117 51.78 0.17 4.29
C LEU E 117 52.82 1.25 4.55
N THR E 118 53.99 1.11 3.93
CA THR E 118 55.09 2.03 4.15
C THR E 118 55.68 2.46 2.82
N VAL E 119 56.21 3.67 2.78
CA VAL E 119 56.79 4.26 1.59
C VAL E 119 58.26 4.56 1.84
N SER E 120 59.07 4.42 0.80
CA SER E 120 60.51 4.65 0.91
C SER E 120 60.81 6.11 1.22
N GLY E 135 39.97 23.78 6.52
CA GLY E 135 40.01 24.41 7.81
C GLY E 135 38.65 24.56 8.46
N SER E 136 37.60 24.34 7.67
CA SER E 136 36.23 24.43 8.16
C SER E 136 35.73 23.15 8.80
N ASP E 137 36.55 22.09 8.81
CA ASP E 137 36.15 20.84 9.43
C ASP E 137 36.14 20.96 10.96
N ILE E 138 35.43 20.02 11.58
CA ILE E 138 35.28 20.03 13.04
C ILE E 138 36.55 19.46 13.65
N VAL E 139 37.35 20.32 14.28
CA VAL E 139 38.54 19.87 14.98
C VAL E 139 38.13 19.39 16.36
N MET E 140 38.79 18.34 16.84
CA MET E 140 38.45 17.73 18.11
C MET E 140 39.72 17.43 18.87
N THR E 141 39.74 17.76 20.16
CA THR E 141 40.95 17.69 20.97
C THR E 141 40.67 16.92 22.24
N GLN E 142 41.68 16.19 22.71
CA GLN E 142 41.64 15.53 24.00
C GLN E 142 42.71 16.18 24.87
N ALA E 143 42.30 16.74 26.00
CA ALA E 143 43.18 17.63 26.77
C ALA E 143 44.39 16.91 27.33
N THR E 144 44.23 15.68 27.79
CA THR E 144 45.31 14.96 28.47
C THR E 144 45.86 13.89 27.53
N SER E 145 47.19 13.88 27.37
CA SER E 145 47.83 12.89 26.50
C SER E 145 47.76 11.49 27.10
N SER E 146 48.09 11.38 28.38
CA SER E 146 48.13 10.07 29.04
C SER E 146 47.67 10.20 30.48
N VAL E 147 46.91 9.20 30.93
CA VAL E 147 46.40 9.18 32.30
C VAL E 147 46.87 7.89 32.97
N PRO E 148 47.75 7.95 33.97
CA PRO E 148 48.11 6.74 34.72
C PRO E 148 46.94 6.31 35.59
N VAL E 149 46.76 4.99 35.70
CA VAL E 149 45.64 4.41 36.43
C VAL E 149 46.03 3.02 36.92
N THR E 150 45.35 2.57 37.97
CA THR E 150 45.57 1.25 38.55
C THR E 150 44.26 0.48 38.61
N PRO E 151 44.32 -0.85 38.58
CA PRO E 151 43.09 -1.66 38.62
C PRO E 151 42.26 -1.37 39.86
N GLY E 152 40.94 -1.45 39.69
CA GLY E 152 40.00 -1.23 40.76
C GLY E 152 39.54 0.21 40.91
N GLU E 153 40.36 1.17 40.51
CA GLU E 153 40.00 2.57 40.61
C GLU E 153 39.10 2.95 39.43
N SER E 154 38.73 4.23 39.37
CA SER E 154 37.91 4.77 38.30
C SER E 154 38.66 5.89 37.60
N VAL E 155 38.57 5.92 36.27
CA VAL E 155 39.27 6.89 35.45
C VAL E 155 38.24 7.66 34.63
N SER E 156 38.68 8.76 34.03
CA SER E 156 37.80 9.63 33.26
C SER E 156 38.60 10.28 32.15
N ILE E 157 38.23 10.00 30.91
CA ILE E 157 38.86 10.59 29.74
C ILE E 157 37.92 11.65 29.17
N SER E 158 38.46 12.84 28.91
CA SER E 158 37.66 13.96 28.45
C SER E 158 38.02 14.32 27.02
N CYS E 159 37.03 14.79 26.27
CA CYS E 159 37.22 15.17 24.88
C CYS E 159 36.33 16.37 24.58
N ARG E 160 36.77 17.20 23.63
CA ARG E 160 36.07 18.43 23.29
C ARG E 160 36.08 18.61 21.78
N SER E 161 35.17 19.48 21.30
CA SER E 161 35.05 19.77 19.89
C SER E 161 34.91 21.27 19.70
N SER E 162 35.31 21.75 18.52
CA SER E 162 35.19 23.18 18.23
C SER E 162 33.74 23.58 17.99
N LYS E 163 32.99 22.77 17.26
CA LYS E 163 31.59 23.03 16.95
C LYS E 163 30.71 22.05 17.71
N SER E 164 29.56 22.53 18.17
CA SER E 164 28.67 21.71 18.96
C SER E 164 28.12 20.55 18.14
N LEU E 165 28.09 19.37 18.75
CA LEU E 165 27.62 18.15 18.09
C LEU E 165 26.15 17.86 18.36
N LEU E 166 25.49 18.64 19.21
CA LEU E 166 24.07 18.44 19.51
C LEU E 166 23.28 18.95 18.32
N HIS E 167 22.83 18.04 17.46
CA HIS E 167 22.09 18.42 16.27
C HIS E 167 20.65 18.77 16.64
N SER E 168 19.95 19.41 15.69
CA SER E 168 18.59 19.87 15.94
C SER E 168 17.65 18.72 16.27
N ASN E 169 17.89 17.53 15.70
CA ASN E 169 17.02 16.38 15.96
C ASN E 169 17.23 15.75 17.32
N GLY E 170 18.11 16.31 18.15
CA GLY E 170 18.30 15.87 19.52
C GLY E 170 19.47 14.94 19.73
N ASN E 171 20.02 14.34 18.67
CA ASN E 171 21.13 13.44 18.81
C ASN E 171 22.45 14.20 18.85
N THR E 172 23.38 13.72 19.67
CA THR E 172 24.75 14.18 19.70
C THR E 172 25.64 13.06 19.17
N TYR E 173 26.50 13.39 18.21
CA TYR E 173 27.18 12.40 17.38
C TYR E 173 28.63 12.18 17.76
N LEU E 174 28.97 12.19 19.05
CA LEU E 174 30.32 11.83 19.49
C LEU E 174 30.42 10.32 19.68
N TYR E 175 31.49 9.74 19.16
CA TYR E 175 31.75 8.31 19.26
C TYR E 175 33.06 8.09 20.01
N TRP E 176 33.10 7.04 20.83
CA TRP E 176 34.29 6.70 21.59
C TRP E 176 34.80 5.32 21.17
N PHE E 177 36.10 5.22 20.96
CA PHE E 177 36.74 3.98 20.53
C PHE E 177 37.86 3.60 21.49
N LEU E 178 38.06 2.31 21.66
CA LEU E 178 39.14 1.75 22.46
C LEU E 178 40.07 0.95 21.58
N GLN E 179 41.37 1.23 21.68
CA GLN E 179 42.39 0.50 20.93
C GLN E 179 43.37 -0.09 21.92
N ARG E 180 43.27 -1.38 22.18
CA ARG E 180 44.24 -2.05 23.02
C ARG E 180 45.55 -2.23 22.26
N PRO E 181 46.69 -2.20 22.96
CA PRO E 181 47.98 -2.34 22.27
C PRO E 181 48.06 -3.66 21.53
N GLY E 182 48.42 -3.58 20.24
CA GLY E 182 48.44 -4.75 19.40
C GLY E 182 47.08 -5.23 18.94
N GLN E 183 46.07 -4.35 18.92
CA GLN E 183 44.73 -4.75 18.54
C GLN E 183 44.06 -3.58 17.83
N SER E 184 43.05 -3.90 17.03
CA SER E 184 42.31 -2.90 16.28
C SER E 184 41.30 -2.19 17.18
N PRO E 185 40.90 -0.97 16.83
CA PRO E 185 39.93 -0.24 17.66
C PRO E 185 38.60 -0.96 17.74
N GLN E 186 37.93 -0.78 18.87
CA GLN E 186 36.61 -1.36 19.11
C GLN E 186 35.68 -0.27 19.61
N LEU E 187 34.46 -0.24 19.07
CA LEU E 187 33.49 0.77 19.47
C LEU E 187 33.05 0.54 20.91
N LEU E 188 33.01 1.60 21.70
CA LEU E 188 32.55 1.55 23.08
C LEU E 188 31.26 2.33 23.30
N ILE E 189 31.24 3.61 22.93
CA ILE E 189 30.06 4.45 23.06
C ILE E 189 29.77 5.08 21.70
N TYR E 190 28.52 4.94 21.25
CA TYR E 190 28.11 5.56 19.99
C TYR E 190 27.03 6.60 20.27
N ARG E 191 27.18 7.76 19.63
CA ARG E 191 26.36 8.93 19.87
C ARG E 191 26.38 9.34 21.34
N MET E 192 27.55 9.21 21.95
CA MET E 192 27.92 9.90 23.19
C MET E 192 27.16 9.44 24.43
N SER E 193 26.16 8.58 24.27
CA SER E 193 25.45 8.05 25.43
C SER E 193 25.14 6.56 25.36
N ASN E 194 25.06 5.97 24.17
CA ASN E 194 24.63 4.59 24.02
C ASN E 194 25.82 3.65 24.11
N LEU E 195 25.72 2.66 25.00
CA LEU E 195 26.78 1.68 25.14
C LEU E 195 26.74 0.69 23.98
N ALA E 196 27.90 0.43 23.38
CA ALA E 196 27.97 -0.47 22.25
C ALA E 196 27.69 -1.91 22.67
N SER E 197 27.26 -2.72 21.71
CA SER E 197 26.91 -4.11 21.99
C SER E 197 28.14 -4.90 22.42
N GLY E 198 28.00 -5.69 23.48
CA GLY E 198 29.08 -6.51 23.99
C GLY E 198 30.07 -5.81 24.89
N VAL E 199 30.01 -4.49 24.98
CA VAL E 199 30.90 -3.73 25.85
C VAL E 199 30.43 -3.87 27.29
N PRO E 200 31.32 -4.09 28.25
CA PRO E 200 30.89 -4.17 29.65
C PRO E 200 30.23 -2.87 30.11
N ASP E 201 29.28 -3.02 31.05
CA ASP E 201 28.49 -1.91 31.54
C ASP E 201 29.33 -0.86 32.25
N ARG E 202 30.56 -1.20 32.68
CA ARG E 202 31.38 -0.29 33.46
C ARG E 202 31.68 1.02 32.73
N PHE E 203 31.57 1.05 31.40
CA PHE E 203 31.78 2.27 30.65
C PHE E 203 30.50 3.09 30.61
N SER E 204 30.65 4.40 30.47
CA SER E 204 29.51 5.31 30.40
C SER E 204 29.94 6.59 29.71
N GLY E 205 29.03 7.17 28.94
CA GLY E 205 29.26 8.42 28.25
C GLY E 205 28.49 9.54 28.91
N SER E 206 29.12 10.71 29.00
CA SER E 206 28.54 11.86 29.68
C SER E 206 28.85 13.12 28.89
N GLY E 207 28.24 14.23 29.30
CA GLY E 207 28.46 15.51 28.67
C GLY E 207 27.53 15.74 27.49
N SER E 208 27.38 17.00 27.12
CA SER E 208 26.51 17.37 26.01
C SER E 208 26.98 18.69 25.42
N GLY E 209 26.59 18.91 24.17
CA GLY E 209 26.87 20.15 23.48
C GLY E 209 28.25 20.22 22.85
N THR E 210 29.27 20.46 23.68
CA THR E 210 30.63 20.62 23.17
C THR E 210 31.67 19.83 23.94
N ALA E 211 31.48 19.56 25.23
CA ALA E 211 32.44 18.83 26.04
C ALA E 211 31.85 17.47 26.40
N PHE E 212 32.63 16.42 26.20
CA PHE E 212 32.19 15.05 26.43
C PHE E 212 33.18 14.35 27.34
N THR E 213 32.73 13.24 27.93
CA THR E 213 33.54 12.52 28.88
C THR E 213 33.12 11.05 28.91
N LEU E 214 34.10 10.16 28.87
CA LEU E 214 33.88 8.73 29.00
C LEU E 214 34.34 8.31 30.39
N THR E 215 33.43 7.74 31.17
CA THR E 215 33.70 7.38 32.55
C THR E 215 33.83 5.86 32.67
N ILE E 216 34.91 5.41 33.29
CA ILE E 216 35.17 4.00 33.52
C ILE E 216 35.11 3.74 35.01
N SER E 217 34.16 2.92 35.43
CA SER E 217 33.96 2.60 36.85
C SER E 217 34.49 1.20 37.13
N ARG E 218 35.27 1.08 38.20
CA ARG E 218 35.90 -0.18 38.58
C ARG E 218 36.74 -0.72 37.42
N LEU E 219 37.75 0.07 37.05
CA LEU E 219 38.59 -0.26 35.90
C LEU E 219 39.35 -1.56 36.14
N GLU E 220 39.56 -2.32 35.06
CA GLU E 220 40.28 -3.57 35.09
C GLU E 220 41.47 -3.50 34.15
N ALA E 221 42.34 -4.51 34.24
CA ALA E 221 43.54 -4.56 33.41
C ALA E 221 43.21 -4.73 31.93
N GLU E 222 42.03 -5.23 31.61
CA GLU E 222 41.63 -5.42 30.21
C GLU E 222 41.22 -4.12 29.53
N ASP E 223 41.05 -3.03 30.28
CA ASP E 223 40.65 -1.75 29.72
C ASP E 223 41.84 -0.85 29.43
N VAL E 224 43.07 -1.32 29.62
CA VAL E 224 44.25 -0.52 29.33
C VAL E 224 44.41 -0.38 27.82
N GLY E 225 44.60 0.84 27.36
CA GLY E 225 44.73 1.08 25.93
C GLY E 225 44.65 2.57 25.63
N VAL E 226 44.28 2.87 24.39
CA VAL E 226 44.17 4.24 23.91
C VAL E 226 42.72 4.51 23.55
N TYR E 227 42.21 5.67 23.96
CA TYR E 227 40.81 6.03 23.77
C TYR E 227 40.72 7.19 22.79
N TYR E 228 39.94 7.02 21.72
CA TYR E 228 39.74 8.04 20.71
C TYR E 228 38.29 8.51 20.71
N CYS E 229 38.09 9.81 20.48
CA CYS E 229 36.77 10.40 20.35
C CYS E 229 36.58 10.90 18.93
N MET E 230 35.47 10.49 18.30
CA MET E 230 35.21 10.79 16.89
C MET E 230 33.84 11.43 16.75
N GLN E 231 33.75 12.41 15.87
CA GLN E 231 32.47 13.04 15.52
C GLN E 231 31.93 12.44 14.23
N HIS E 232 30.61 12.45 14.10
CA HIS E 232 29.95 11.96 12.89
C HIS E 232 28.93 12.97 12.37
N LEU E 233 28.99 14.21 12.84
CA LEU E 233 28.03 15.21 12.41
C LEU E 233 28.16 15.52 10.92
N GLU E 234 29.39 15.66 10.44
CA GLU E 234 29.63 15.95 9.03
C GLU E 234 31.03 15.50 8.65
N TYR E 235 31.19 15.10 7.39
CA TYR E 235 32.48 14.67 6.90
C TYR E 235 33.39 15.88 6.68
N PRO E 236 34.71 15.74 6.93
CA PRO E 236 35.43 14.53 7.36
C PRO E 236 35.21 14.18 8.82
N LEU E 237 35.33 12.90 9.16
CA LEU E 237 35.12 12.42 10.52
C LEU E 237 36.44 12.54 11.27
N THR E 238 36.64 13.67 11.94
CA THR E 238 37.90 13.93 12.60
C THR E 238 37.95 13.26 13.97
N PHE E 239 39.01 12.50 14.20
CA PHE E 239 39.23 11.83 15.48
C PHE E 239 40.00 12.75 16.42
N GLY E 240 39.90 12.45 17.71
CA GLY E 240 40.72 13.13 18.69
C GLY E 240 42.14 12.63 18.66
N ALA E 241 43.01 13.34 19.39
CA ALA E 241 44.41 12.94 19.45
C ALA E 241 44.59 11.61 20.17
N GLY E 242 43.65 11.22 21.02
CA GLY E 242 43.74 9.96 21.72
C GLY E 242 44.35 10.07 23.09
N THR E 243 43.69 9.49 24.09
CA THR E 243 44.16 9.50 25.47
C THR E 243 44.60 8.09 25.84
N LYS E 244 45.86 7.94 26.22
CA LYS E 244 46.42 6.64 26.56
C LYS E 244 46.21 6.37 28.05
N LEU E 245 45.50 5.30 28.36
CA LEU E 245 45.34 4.84 29.74
C LEU E 245 46.40 3.79 29.99
N GLU E 246 47.42 4.15 30.77
CA GLU E 246 48.58 3.30 30.99
C GLU E 246 48.55 2.71 32.40
N LEU E 247 49.06 1.49 32.52
CA LEU E 247 49.00 0.78 33.78
C LEU E 247 49.95 1.41 34.79
N LYS E 248 49.46 1.62 36.01
CA LYS E 248 50.24 2.19 37.11
C LYS E 248 50.83 3.54 36.75
#